data_8A9W
# 
_entry.id   8A9W 
# 
_audit_conform.dict_name       mmcif_pdbx.dic 
_audit_conform.dict_version    5.391 
_audit_conform.dict_location   http://mmcif.pdb.org/dictionaries/ascii/mmcif_pdbx.dic 
# 
loop_
_database_2.database_id 
_database_2.database_code 
_database_2.pdbx_database_accession 
_database_2.pdbx_DOI 
PDB   8A9W         pdb_00008a9w 10.2210/pdb8a9w/pdb 
WWPDB D_1292124012 ?            ?                   
# 
loop_
_pdbx_audit_revision_history.ordinal 
_pdbx_audit_revision_history.data_content_type 
_pdbx_audit_revision_history.major_revision 
_pdbx_audit_revision_history.minor_revision 
_pdbx_audit_revision_history.revision_date 
1 'Structure model' 1 0 2023-01-11 
2 'Structure model' 1 1 2023-02-15 
3 'Structure model' 1 2 2023-04-12 
4 'Structure model' 1 3 2024-05-01 
# 
_pdbx_audit_revision_details.ordinal             1 
_pdbx_audit_revision_details.revision_ordinal    1 
_pdbx_audit_revision_details.data_content_type   'Structure model' 
_pdbx_audit_revision_details.provider            repository 
_pdbx_audit_revision_details.type                'Initial release' 
_pdbx_audit_revision_details.description         ? 
_pdbx_audit_revision_details.details             ? 
# 
loop_
_pdbx_audit_revision_group.ordinal 
_pdbx_audit_revision_group.revision_ordinal 
_pdbx_audit_revision_group.data_content_type 
_pdbx_audit_revision_group.group 
1 2 'Structure model' 'Database references'    
2 3 'Structure model' 'Structure summary'      
3 4 'Structure model' 'Data collection'        
4 4 'Structure model' 'Refinement description' 
# 
loop_
_pdbx_audit_revision_category.ordinal 
_pdbx_audit_revision_category.revision_ordinal 
_pdbx_audit_revision_category.data_content_type 
_pdbx_audit_revision_category.category 
1 2 'Structure model' citation                      
2 3 'Structure model' audit_author                  
3 4 'Structure model' chem_comp_atom                
4 4 'Structure model' chem_comp_bond                
5 4 'Structure model' pdbx_initial_refinement_model 
# 
loop_
_pdbx_audit_revision_item.ordinal 
_pdbx_audit_revision_item.revision_ordinal 
_pdbx_audit_revision_item.data_content_type 
_pdbx_audit_revision_item.item 
1 2 'Structure model' '_citation.journal_volume' 
2 2 'Structure model' '_citation.page_first'     
3 2 'Structure model' '_citation.year'           
4 3 'Structure model' '_audit_author.name'       
# 
_pdbx_database_status.status_code                     REL 
_pdbx_database_status.status_code_sf                  REL 
_pdbx_database_status.status_code_mr                  ? 
_pdbx_database_status.entry_id                        8A9W 
_pdbx_database_status.recvd_initial_deposition_date   2022-06-29 
_pdbx_database_status.SG_entry                        N 
_pdbx_database_status.deposit_site                    PDBE 
_pdbx_database_status.process_site                    PDBE 
_pdbx_database_status.status_code_cs                  ? 
_pdbx_database_status.status_code_nmr_data            ? 
_pdbx_database_status.methods_development_category    ? 
_pdbx_database_status.pdb_format_compatible           Y 
# 
_pdbx_contact_author.id                 3 
_pdbx_contact_author.email              nadia.izadi@pasteur.fr 
_pdbx_contact_author.name_first         Nadia 
_pdbx_contact_author.name_last          Izadi-Pruneyre 
_pdbx_contact_author.name_mi            ? 
_pdbx_contact_author.role               'principal investigator/group leader' 
_pdbx_contact_author.identifier_ORCID   0000-0002-6864-2961 
# 
loop_
_audit_author.name 
_audit_author.pdbx_ordinal 
_audit_author.identifier_ORCID 
'Dazzoni, R.'        1  ?                   
'Li, Y.'             2  ?                   
'Lopez-Castilla, A.' 3  0000-0002-8907-9258 
'Brier, S.'          4  0000-0003-1758-8237 
'Mechaly, A.'        5  0000-0002-5305-7495 
'Cordier, F.'        6  0000-0002-5963-7773 
'Haouz, A.'          7  0000-0003-1196-1635 
'Nilges, M.'         8  0000-0002-1451-8092 
'Francetic, O.'      9  0000-0002-4145-5314 
'Bardiaux, B.'       10 0000-0003-4014-9195 
'Izadi-Pruneyre, N.' 11 0000-0002-6864-2961 
# 
_citation.abstract                  ? 
_citation.abstract_id_CAS           ? 
_citation.book_id_ISBN              ? 
_citation.book_publisher            ? 
_citation.book_publisher_city       ? 
_citation.book_title                ? 
_citation.coordinate_linkage        ? 
_citation.country                   UK 
_citation.database_id_Medline       ? 
_citation.details                   ? 
_citation.id                        primary 
_citation.journal_abbrev            Structure 
_citation.journal_id_ASTM           STRUE6 
_citation.journal_id_CSD            2005 
_citation.journal_id_ISSN           0969-2126 
_citation.journal_full              ? 
_citation.journal_issue             ? 
_citation.journal_volume            31 
_citation.language                  ? 
_citation.page_first                152 
_citation.page_last                 ? 
_citation.title                     
'Structure and dynamic association of an assembly platform subcomplex of the bacterial type II secretion system.' 
_citation.year                      2023 
_citation.database_id_CSD           ? 
_citation.pdbx_database_id_DOI      10.1016/j.str.2022.12.003 
_citation.pdbx_database_id_PubMed   36586404 
_citation.pdbx_database_id_patent   ? 
_citation.unpublished_flag          ? 
# 
loop_
_citation_author.citation_id 
_citation_author.name 
_citation_author.ordinal 
_citation_author.identifier_ORCID 
primary 'Dazzoni, R.'        1  ? 
primary 'Li, Y.'             2  ? 
primary 'Lopez-Castilla, A.' 3  ? 
primary 'Brier, S.'          4  ? 
primary 'Mechaly, A.'        5  ? 
primary 'Cordier, F.'        6  ? 
primary 'Haouz, A.'          7  ? 
primary 'Nilges, M.'         8  ? 
primary 'Francetic, O.'      9  ? 
primary 'Bardiaux, B.'       10 ? 
primary 'Izadi-Pruneyre, N.' 11 ? 
# 
loop_
_entity.id 
_entity.type 
_entity.src_method 
_entity.pdbx_description 
_entity.formula_weight 
_entity.pdbx_number_of_molecules 
_entity.pdbx_ec 
_entity.pdbx_mutation 
_entity.pdbx_fragment 
_entity.details 
1 polymer     man 'Type II secretion system protein L' 8688.874 1  ? ? ? ? 
2 non-polymer syn 'SULFATE ION'                        96.063   2  ? ? ? ? 
3 water       nat water                                18.015   17 ? ? ? ? 
# 
_entity_name_com.entity_id   1 
_entity_name_com.name        'T2SS protein L' 
# 
_entity_poly.entity_id                      1 
_entity_poly.type                           'polypeptide(L)' 
_entity_poly.nstd_linkage                   no 
_entity_poly.nstd_monomer                   no 
_entity_poly.pdbx_seq_one_letter_code       PALISRLGALQQIIDDTPGIRLRTLSFDAARNALQLEISAVSSQALEQFSQRARARFRVQTGEMKPRADGIEGRLTLEG 
_entity_poly.pdbx_seq_one_letter_code_can   PALISRLGALQQIIDDTPGIRLRTLSFDAARNALQLEISAVSSQALEQFSQRARARFRVQTGEMKPRADGIEGRLTLEG 
_entity_poly.pdbx_strand_id                 A 
_entity_poly.pdbx_target_identifier         ? 
# 
loop_
_pdbx_entity_nonpoly.entity_id 
_pdbx_entity_nonpoly.name 
_pdbx_entity_nonpoly.comp_id 
2 'SULFATE ION' SO4 
3 water         HOH 
# 
loop_
_entity_poly_seq.entity_id 
_entity_poly_seq.num 
_entity_poly_seq.mon_id 
_entity_poly_seq.hetero 
1 1  PRO n 
1 2  ALA n 
1 3  LEU n 
1 4  ILE n 
1 5  SER n 
1 6  ARG n 
1 7  LEU n 
1 8  GLY n 
1 9  ALA n 
1 10 LEU n 
1 11 GLN n 
1 12 GLN n 
1 13 ILE n 
1 14 ILE n 
1 15 ASP n 
1 16 ASP n 
1 17 THR n 
1 18 PRO n 
1 19 GLY n 
1 20 ILE n 
1 21 ARG n 
1 22 LEU n 
1 23 ARG n 
1 24 THR n 
1 25 LEU n 
1 26 SER n 
1 27 PHE n 
1 28 ASP n 
1 29 ALA n 
1 30 ALA n 
1 31 ARG n 
1 32 ASN n 
1 33 ALA n 
1 34 LEU n 
1 35 GLN n 
1 36 LEU n 
1 37 GLU n 
1 38 ILE n 
1 39 SER n 
1 40 ALA n 
1 41 VAL n 
1 42 SER n 
1 43 SER n 
1 44 GLN n 
1 45 ALA n 
1 46 LEU n 
1 47 GLU n 
1 48 GLN n 
1 49 PHE n 
1 50 SER n 
1 51 GLN n 
1 52 ARG n 
1 53 ALA n 
1 54 ARG n 
1 55 ALA n 
1 56 ARG n 
1 57 PHE n 
1 58 ARG n 
1 59 VAL n 
1 60 GLN n 
1 61 THR n 
1 62 GLY n 
1 63 GLU n 
1 64 MET n 
1 65 LYS n 
1 66 PRO n 
1 67 ARG n 
1 68 ALA n 
1 69 ASP n 
1 70 GLY n 
1 71 ILE n 
1 72 GLU n 
1 73 GLY n 
1 74 ARG n 
1 75 LEU n 
1 76 THR n 
1 77 LEU n 
1 78 GLU n 
1 79 GLY n 
# 
_entity_src_gen.entity_id                          1 
_entity_src_gen.pdbx_src_id                        1 
_entity_src_gen.pdbx_alt_source_flag               sample 
_entity_src_gen.pdbx_seq_type                      'Biological sequence' 
_entity_src_gen.pdbx_beg_seq_num                   1 
_entity_src_gen.pdbx_end_seq_num                   79 
_entity_src_gen.gene_src_common_name               ? 
_entity_src_gen.gene_src_genus                     ? 
_entity_src_gen.pdbx_gene_src_gene                 'gspL, DVB85_16625' 
_entity_src_gen.gene_src_species                   ? 
_entity_src_gen.gene_src_strain                    ? 
_entity_src_gen.gene_src_tissue                    ? 
_entity_src_gen.gene_src_tissue_fraction           ? 
_entity_src_gen.gene_src_details                   ? 
_entity_src_gen.pdbx_gene_src_fragment             ? 
_entity_src_gen.pdbx_gene_src_scientific_name      'Klebsiella oxytoca' 
_entity_src_gen.pdbx_gene_src_ncbi_taxonomy_id     571 
_entity_src_gen.pdbx_gene_src_variant              ? 
_entity_src_gen.pdbx_gene_src_cell_line            ? 
_entity_src_gen.pdbx_gene_src_atcc                 ? 
_entity_src_gen.pdbx_gene_src_organ                ? 
_entity_src_gen.pdbx_gene_src_organelle            ? 
_entity_src_gen.pdbx_gene_src_cell                 ? 
_entity_src_gen.pdbx_gene_src_cellular_location    ? 
_entity_src_gen.host_org_common_name               ? 
_entity_src_gen.pdbx_host_org_scientific_name      'Escherichia coli' 
_entity_src_gen.pdbx_host_org_ncbi_taxonomy_id     562 
_entity_src_gen.host_org_genus                     ? 
_entity_src_gen.pdbx_host_org_gene                 ? 
_entity_src_gen.pdbx_host_org_organ                ? 
_entity_src_gen.host_org_species                   ? 
_entity_src_gen.pdbx_host_org_tissue               ? 
_entity_src_gen.pdbx_host_org_tissue_fraction      ? 
_entity_src_gen.pdbx_host_org_strain               ? 
_entity_src_gen.pdbx_host_org_variant              ? 
_entity_src_gen.pdbx_host_org_cell_line            ? 
_entity_src_gen.pdbx_host_org_atcc                 ? 
_entity_src_gen.pdbx_host_org_culture_collection   ? 
_entity_src_gen.pdbx_host_org_cell                 ? 
_entity_src_gen.pdbx_host_org_organelle            ? 
_entity_src_gen.pdbx_host_org_cellular_location    ? 
_entity_src_gen.pdbx_host_org_vector_type          ? 
_entity_src_gen.pdbx_host_org_vector               ? 
_entity_src_gen.host_org_details                   ? 
_entity_src_gen.expression_system_id               ? 
_entity_src_gen.plasmid_name                       ? 
_entity_src_gen.plasmid_details                    ? 
_entity_src_gen.pdbx_description                   ? 
# 
loop_
_chem_comp.id 
_chem_comp.type 
_chem_comp.mon_nstd_flag 
_chem_comp.name 
_chem_comp.pdbx_synonyms 
_chem_comp.formula 
_chem_comp.formula_weight 
ALA 'L-peptide linking' y ALANINE         ? 'C3 H7 N O2'     89.093  
ARG 'L-peptide linking' y ARGININE        ? 'C6 H15 N4 O2 1' 175.209 
ASN 'L-peptide linking' y ASPARAGINE      ? 'C4 H8 N2 O3'    132.118 
ASP 'L-peptide linking' y 'ASPARTIC ACID' ? 'C4 H7 N O4'     133.103 
GLN 'L-peptide linking' y GLUTAMINE       ? 'C5 H10 N2 O3'   146.144 
GLU 'L-peptide linking' y 'GLUTAMIC ACID' ? 'C5 H9 N O4'     147.129 
GLY 'peptide linking'   y GLYCINE         ? 'C2 H5 N O2'     75.067  
HOH non-polymer         . WATER           ? 'H2 O'           18.015  
ILE 'L-peptide linking' y ISOLEUCINE      ? 'C6 H13 N O2'    131.173 
LEU 'L-peptide linking' y LEUCINE         ? 'C6 H13 N O2'    131.173 
LYS 'L-peptide linking' y LYSINE          ? 'C6 H15 N2 O2 1' 147.195 
MET 'L-peptide linking' y METHIONINE      ? 'C5 H11 N O2 S'  149.211 
PHE 'L-peptide linking' y PHENYLALANINE   ? 'C9 H11 N O2'    165.189 
PRO 'L-peptide linking' y PROLINE         ? 'C5 H9 N O2'     115.130 
SER 'L-peptide linking' y SERINE          ? 'C3 H7 N O3'     105.093 
SO4 non-polymer         . 'SULFATE ION'   ? 'O4 S -2'        96.063  
THR 'L-peptide linking' y THREONINE       ? 'C4 H9 N O3'     119.119 
VAL 'L-peptide linking' y VALINE          ? 'C5 H11 N O2'    117.146 
# 
loop_
_pdbx_poly_seq_scheme.asym_id 
_pdbx_poly_seq_scheme.entity_id 
_pdbx_poly_seq_scheme.seq_id 
_pdbx_poly_seq_scheme.mon_id 
_pdbx_poly_seq_scheme.ndb_seq_num 
_pdbx_poly_seq_scheme.pdb_seq_num 
_pdbx_poly_seq_scheme.auth_seq_num 
_pdbx_poly_seq_scheme.pdb_mon_id 
_pdbx_poly_seq_scheme.auth_mon_id 
_pdbx_poly_seq_scheme.pdb_strand_id 
_pdbx_poly_seq_scheme.pdb_ins_code 
_pdbx_poly_seq_scheme.hetero 
A 1 1  PRO 1  7  ?  ?   ?   A . n 
A 1 2  ALA 2  8  8  ALA ALA A . n 
A 1 3  LEU 3  9  9  LEU LEU A . n 
A 1 4  ILE 4  10 10 ILE ILE A . n 
A 1 5  SER 5  11 11 SER SER A . n 
A 1 6  ARG 6  12 12 ARG ARG A . n 
A 1 7  LEU 7  13 13 LEU LEU A . n 
A 1 8  GLY 8  14 14 GLY GLY A . n 
A 1 9  ALA 9  15 15 ALA ALA A . n 
A 1 10 LEU 10 16 16 LEU LEU A . n 
A 1 11 GLN 11 17 17 GLN GLN A . n 
A 1 12 GLN 12 18 18 GLN GLN A . n 
A 1 13 ILE 13 19 19 ILE ILE A . n 
A 1 14 ILE 14 20 20 ILE ILE A . n 
A 1 15 ASP 15 21 21 ASP ASP A . n 
A 1 16 ASP 16 22 22 ASP ASP A . n 
A 1 17 THR 17 23 23 THR THR A . n 
A 1 18 PRO 18 24 24 PRO PRO A . n 
A 1 19 GLY 19 25 25 GLY GLY A . n 
A 1 20 ILE 20 26 26 ILE ILE A . n 
A 1 21 ARG 21 27 27 ARG ARG A . n 
A 1 22 LEU 22 28 28 LEU LEU A . n 
A 1 23 ARG 23 29 29 ARG ARG A . n 
A 1 24 THR 24 30 30 THR THR A . n 
A 1 25 LEU 25 31 31 LEU LEU A . n 
A 1 26 SER 26 32 32 SER SER A . n 
A 1 27 PHE 27 33 33 PHE PHE A . n 
A 1 28 ASP 28 34 34 ASP ASP A . n 
A 1 29 ALA 29 35 35 ALA ALA A . n 
A 1 30 ALA 30 36 36 ALA ALA A . n 
A 1 31 ARG 31 37 37 ARG ARG A . n 
A 1 32 ASN 32 38 38 ASN ASN A . n 
A 1 33 ALA 33 39 39 ALA ALA A . n 
A 1 34 LEU 34 40 40 LEU LEU A . n 
A 1 35 GLN 35 41 41 GLN GLN A . n 
A 1 36 LEU 36 42 42 LEU LEU A . n 
A 1 37 GLU 37 43 43 GLU GLU A . n 
A 1 38 ILE 38 44 44 ILE ILE A . n 
A 1 39 SER 39 45 45 SER SER A . n 
A 1 40 ALA 40 46 46 ALA ALA A . n 
A 1 41 VAL 41 47 47 VAL VAL A . n 
A 1 42 SER 42 48 48 SER SER A . n 
A 1 43 SER 43 49 49 SER SER A . n 
A 1 44 GLN 44 50 50 GLN GLN A . n 
A 1 45 ALA 45 51 51 ALA ALA A . n 
A 1 46 LEU 46 52 52 LEU LEU A . n 
A 1 47 GLU 47 53 53 GLU GLU A . n 
A 1 48 GLN 48 54 54 GLN GLN A . n 
A 1 49 PHE 49 55 55 PHE PHE A . n 
A 1 50 SER 50 56 56 SER SER A . n 
A 1 51 GLN 51 57 57 GLN GLN A . n 
A 1 52 ARG 52 58 58 ARG ARG A . n 
A 1 53 ALA 53 59 59 ALA ALA A . n 
A 1 54 ARG 54 60 60 ARG ARG A . n 
A 1 55 ALA 55 61 61 ALA ALA A . n 
A 1 56 ARG 56 62 62 ARG ARG A . n 
A 1 57 PHE 57 63 63 PHE PHE A . n 
A 1 58 ARG 58 64 64 ARG ARG A . n 
A 1 59 VAL 59 65 65 VAL VAL A . n 
A 1 60 GLN 60 66 66 GLN GLN A . n 
A 1 61 THR 61 67 67 THR THR A . n 
A 1 62 GLY 62 68 68 GLY GLY A . n 
A 1 63 GLU 63 69 69 GLU GLU A . n 
A 1 64 MET 64 70 70 MET MET A . n 
A 1 65 LYS 65 71 71 LYS LYS A . n 
A 1 66 PRO 66 72 ?  ?   ?   A . n 
A 1 67 ARG 67 73 ?  ?   ?   A . n 
A 1 68 ALA 68 74 ?  ?   ?   A . n 
A 1 69 ASP 69 75 75 ASP ASP A . n 
A 1 70 GLY 70 76 76 GLY GLY A . n 
A 1 71 ILE 71 77 77 ILE ILE A . n 
A 1 72 GLU 72 78 78 GLU GLU A . n 
A 1 73 GLY 73 79 79 GLY GLY A . n 
A 1 74 ARG 74 80 80 ARG ARG A . n 
A 1 75 LEU 75 81 81 LEU LEU A . n 
A 1 76 THR 76 82 82 THR THR A . n 
A 1 77 LEU 77 83 83 LEU LEU A . n 
A 1 78 GLU 78 84 84 GLU GLU A . n 
A 1 79 GLY 79 85 85 GLY GLY A . n 
# 
loop_
_pdbx_nonpoly_scheme.asym_id 
_pdbx_nonpoly_scheme.entity_id 
_pdbx_nonpoly_scheme.mon_id 
_pdbx_nonpoly_scheme.ndb_seq_num 
_pdbx_nonpoly_scheme.pdb_seq_num 
_pdbx_nonpoly_scheme.auth_seq_num 
_pdbx_nonpoly_scheme.pdb_mon_id 
_pdbx_nonpoly_scheme.auth_mon_id 
_pdbx_nonpoly_scheme.pdb_strand_id 
_pdbx_nonpoly_scheme.pdb_ins_code 
B 2 SO4 1  101 1  SO4 SO4 A . 
C 2 SO4 1  102 2  SO4 SO4 A . 
D 3 HOH 1  201 11 HOH HOH A . 
D 3 HOH 2  202 6  HOH HOH A . 
D 3 HOH 3  203 1  HOH HOH A . 
D 3 HOH 4  204 8  HOH HOH A . 
D 3 HOH 5  205 2  HOH HOH A . 
D 3 HOH 6  206 2  HOH HOH A . 
D 3 HOH 7  207 9  HOH HOH A . 
D 3 HOH 8  208 7  HOH HOH A . 
D 3 HOH 9  209 4  HOH HOH A . 
D 3 HOH 10 210 13 HOH HOH A . 
D 3 HOH 11 211 5  HOH HOH A . 
D 3 HOH 12 212 6  HOH HOH A . 
D 3 HOH 13 213 1  HOH HOH A . 
D 3 HOH 14 214 3  HOH HOH A . 
D 3 HOH 15 215 10 HOH HOH A . 
D 3 HOH 16 216 12 HOH HOH A . 
D 3 HOH 17 217 5  HOH HOH A . 
# 
loop_
_software.citation_id 
_software.classification 
_software.compiler_name 
_software.compiler_version 
_software.contact_author 
_software.contact_author_email 
_software.date 
_software.description 
_software.dependencies 
_software.hardware 
_software.language 
_software.location 
_software.mods 
_software.name 
_software.os 
_software.os_version 
_software.type 
_software.version 
_software.pdbx_ordinal 
? refinement       ? ? ? ? ? ? ? ? ? ? ? REFMAC  ? ? ? 5.8.0267 1 
? phasing          ? ? ? ? ? ? ? ? ? ? ? PHASER  ? ? ? .        2 
? 'data scaling'   ? ? ? ? ? ? ? ? ? ? ? Aimless ? ? ? .        3 
? 'data reduction' ? ? ? ? ? ? ? ? ? ? ? XDS     ? ? ? .        4 
# 
_cell.angle_alpha                  90.00 
_cell.angle_alpha_esd              ? 
_cell.angle_beta                   90.00 
_cell.angle_beta_esd               ? 
_cell.angle_gamma                  90.00 
_cell.angle_gamma_esd              ? 
_cell.entry_id                     8A9W 
_cell.details                      ? 
_cell.formula_units_Z              ? 
_cell.length_a                     80.300 
_cell.length_a_esd                 ? 
_cell.length_b                     80.300 
_cell.length_b_esd                 ? 
_cell.length_c                     80.300 
_cell.length_c_esd                 ? 
_cell.volume                       ? 
_cell.volume_esd                   ? 
_cell.Z_PDB                        24 
_cell.reciprocal_angle_alpha       ? 
_cell.reciprocal_angle_beta        ? 
_cell.reciprocal_angle_gamma       ? 
_cell.reciprocal_angle_alpha_esd   ? 
_cell.reciprocal_angle_beta_esd    ? 
_cell.reciprocal_angle_gamma_esd   ? 
_cell.reciprocal_length_a          ? 
_cell.reciprocal_length_b          ? 
_cell.reciprocal_length_c          ? 
_cell.reciprocal_length_a_esd      ? 
_cell.reciprocal_length_b_esd      ? 
_cell.reciprocal_length_c_esd      ? 
_cell.pdbx_unique_axis             ? 
_cell.pdbx_esd_method              ? 
# 
_symmetry.entry_id                         8A9W 
_symmetry.cell_setting                     ? 
_symmetry.Int_Tables_number                199 
_symmetry.space_group_name_Hall            ? 
_symmetry.space_group_name_H-M             'I 21 3' 
_symmetry.pdbx_full_space_group_name_H-M   ? 
# 
_exptl.absorpt_coefficient_mu     ? 
_exptl.absorpt_correction_T_max   ? 
_exptl.absorpt_correction_T_min   ? 
_exptl.absorpt_correction_type    ? 
_exptl.absorpt_process_details    ? 
_exptl.entry_id                   8A9W 
_exptl.crystals_number            1 
_exptl.details                    ? 
_exptl.method                     'X-RAY DIFFRACTION' 
_exptl.method_details             ? 
# 
_exptl_crystal.colour                       ? 
_exptl_crystal.density_diffrn               ? 
_exptl_crystal.density_Matthews             2.48 
_exptl_crystal.density_method               ? 
_exptl_crystal.density_percent_sol          50.46 
_exptl_crystal.description                  ? 
_exptl_crystal.F_000                        ? 
_exptl_crystal.id                           1 
_exptl_crystal.preparation                  ? 
_exptl_crystal.size_max                     ? 
_exptl_crystal.size_mid                     ? 
_exptl_crystal.size_min                     ? 
_exptl_crystal.size_rad                     ? 
_exptl_crystal.colour_lustre                ? 
_exptl_crystal.colour_modifier              ? 
_exptl_crystal.colour_primary               ? 
_exptl_crystal.density_meas                 ? 
_exptl_crystal.density_meas_esd             ? 
_exptl_crystal.density_meas_gt              ? 
_exptl_crystal.density_meas_lt              ? 
_exptl_crystal.density_meas_temp            ? 
_exptl_crystal.density_meas_temp_esd        ? 
_exptl_crystal.density_meas_temp_gt         ? 
_exptl_crystal.density_meas_temp_lt         ? 
_exptl_crystal.pdbx_crystal_image_url       ? 
_exptl_crystal.pdbx_crystal_image_format    ? 
_exptl_crystal.pdbx_mosaicity               ? 
_exptl_crystal.pdbx_mosaicity_esd           ? 
_exptl_crystal.pdbx_mosaic_method           ? 
_exptl_crystal.pdbx_mosaic_block_size       ? 
_exptl_crystal.pdbx_mosaic_block_size_esd   ? 
# 
_exptl_crystal_grow.apparatus       ? 
_exptl_crystal_grow.atmosphere      ? 
_exptl_crystal_grow.crystal_id      1 
_exptl_crystal_grow.details         ? 
_exptl_crystal_grow.method          'VAPOR DIFFUSION' 
_exptl_crystal_grow.method_ref      ? 
_exptl_crystal_grow.pH              ? 
_exptl_crystal_grow.pressure        ? 
_exptl_crystal_grow.pressure_esd    ? 
_exptl_crystal_grow.seeding         ? 
_exptl_crystal_grow.seeding_ref     ? 
_exptl_crystal_grow.temp            291 
_exptl_crystal_grow.temp_details    ? 
_exptl_crystal_grow.temp_esd        ? 
_exptl_crystal_grow.time            ? 
_exptl_crystal_grow.pdbx_details    '0.5 M LiSO4 and 15%w/v PEG 8K' 
_exptl_crystal_grow.pdbx_pH_range   ? 
# 
_diffrn.ambient_environment              ? 
_diffrn.ambient_temp                     100 
_diffrn.ambient_temp_details             ? 
_diffrn.ambient_temp_esd                 ? 
_diffrn.crystal_id                       1 
_diffrn.crystal_support                  ? 
_diffrn.crystal_treatment                ? 
_diffrn.details                          ? 
_diffrn.id                               1 
_diffrn.ambient_pressure                 ? 
_diffrn.ambient_pressure_esd             ? 
_diffrn.ambient_pressure_gt              ? 
_diffrn.ambient_pressure_lt              ? 
_diffrn.ambient_temp_gt                  ? 
_diffrn.ambient_temp_lt                  ? 
_diffrn.pdbx_serial_crystal_experiment   N 
# 
_diffrn_detector.details                      ? 
_diffrn_detector.detector                     PIXEL 
_diffrn_detector.diffrn_id                    1 
_diffrn_detector.type                         'DECTRIS EIGER X 16M' 
_diffrn_detector.area_resol_mean              ? 
_diffrn_detector.dtime                        ? 
_diffrn_detector.pdbx_frames_total            ? 
_diffrn_detector.pdbx_collection_time_total   ? 
_diffrn_detector.pdbx_collection_date         2021-07-03 
_diffrn_detector.pdbx_frequency               ? 
# 
_diffrn_radiation.collimation                      ? 
_diffrn_radiation.diffrn_id                        1 
_diffrn_radiation.filter_edge                      ? 
_diffrn_radiation.inhomogeneity                    ? 
_diffrn_radiation.monochromator                    ? 
_diffrn_radiation.polarisn_norm                    ? 
_diffrn_radiation.polarisn_ratio                   ? 
_diffrn_radiation.probe                            ? 
_diffrn_radiation.type                             ? 
_diffrn_radiation.xray_symbol                      ? 
_diffrn_radiation.wavelength_id                    1 
_diffrn_radiation.pdbx_monochromatic_or_laue_m_l   M 
_diffrn_radiation.pdbx_wavelength_list             ? 
_diffrn_radiation.pdbx_wavelength                  ? 
_diffrn_radiation.pdbx_diffrn_protocol             'SINGLE WAVELENGTH' 
_diffrn_radiation.pdbx_analyzer                    ? 
_diffrn_radiation.pdbx_scattering_type             x-ray 
# 
_diffrn_radiation_wavelength.id           1 
_diffrn_radiation_wavelength.wavelength   0.987 
_diffrn_radiation_wavelength.wt           1.0 
# 
_diffrn_source.current                     ? 
_diffrn_source.details                     ? 
_diffrn_source.diffrn_id                   1 
_diffrn_source.power                       ? 
_diffrn_source.size                        ? 
_diffrn_source.source                      SYNCHROTRON 
_diffrn_source.target                      ? 
_diffrn_source.type                        'SOLEIL BEAMLINE PROXIMA 2' 
_diffrn_source.voltage                     ? 
_diffrn_source.take-off_angle              ? 
_diffrn_source.pdbx_wavelength_list        0.987 
_diffrn_source.pdbx_wavelength             ? 
_diffrn_source.pdbx_synchrotron_beamline   'PROXIMA 2' 
_diffrn_source.pdbx_synchrotron_site       SOLEIL 
# 
_reflns.B_iso_Wilson_estimate                          ? 
_reflns.entry_id                                       8A9W 
_reflns.data_reduction_details                         ? 
_reflns.data_reduction_method                          ? 
_reflns.d_resolution_high                              1.895 
_reflns.d_resolution_low                               56.781 
_reflns.details                                        ? 
_reflns.limit_h_max                                    ? 
_reflns.limit_h_min                                    ? 
_reflns.limit_k_max                                    ? 
_reflns.limit_k_min                                    ? 
_reflns.limit_l_max                                    ? 
_reflns.limit_l_min                                    ? 
_reflns.number_all                                     ? 
_reflns.number_obs                                     7013 
_reflns.observed_criterion                             ? 
_reflns.observed_criterion_F_max                       ? 
_reflns.observed_criterion_F_min                       ? 
_reflns.observed_criterion_I_max                       ? 
_reflns.observed_criterion_I_min                       ? 
_reflns.observed_criterion_sigma_F                     ? 
_reflns.observed_criterion_sigma_I                     ? 
_reflns.percent_possible_obs                           100.0 
_reflns.R_free_details                                 ? 
_reflns.Rmerge_F_all                                   ? 
_reflns.Rmerge_F_obs                                   ? 
_reflns.Friedel_coverage                               ? 
_reflns.number_gt                                      ? 
_reflns.threshold_expression                           ? 
_reflns.pdbx_redundancy                                39.5 
_reflns.pdbx_Rmerge_I_obs                              0.073 
_reflns.pdbx_Rmerge_I_all                              ? 
_reflns.pdbx_Rsym_value                                ? 
_reflns.pdbx_netI_over_av_sigmaI                       ? 
_reflns.pdbx_netI_over_sigmaI                          30.3 
_reflns.pdbx_res_netI_over_av_sigmaI_2                 ? 
_reflns.pdbx_res_netI_over_sigmaI_2                    ? 
_reflns.pdbx_chi_squared                               ? 
_reflns.pdbx_scaling_rejects                           ? 
_reflns.pdbx_d_res_high_opt                            ? 
_reflns.pdbx_d_res_low_opt                             ? 
_reflns.pdbx_d_res_opt_method                          ? 
_reflns.phase_calculation_details                      ? 
_reflns.pdbx_Rrim_I_all                                0.074 
_reflns.pdbx_Rpim_I_all                                0.012 
_reflns.pdbx_d_opt                                     ? 
_reflns.pdbx_number_measured_all                       ? 
_reflns.pdbx_diffrn_id                                 1 
_reflns.pdbx_ordinal                                   1 
_reflns.pdbx_CC_half                                   0.999 
_reflns.pdbx_CC_star                                   ? 
_reflns.pdbx_R_split                                   ? 
_reflns.pdbx_aniso_diffraction_limit_axis_1_ortho[1]   ? 
_reflns.pdbx_aniso_diffraction_limit_axis_1_ortho[2]   ? 
_reflns.pdbx_aniso_diffraction_limit_axis_1_ortho[3]   ? 
_reflns.pdbx_aniso_diffraction_limit_axis_2_ortho[1]   ? 
_reflns.pdbx_aniso_diffraction_limit_axis_2_ortho[2]   ? 
_reflns.pdbx_aniso_diffraction_limit_axis_2_ortho[3]   ? 
_reflns.pdbx_aniso_diffraction_limit_axis_3_ortho[1]   ? 
_reflns.pdbx_aniso_diffraction_limit_axis_3_ortho[2]   ? 
_reflns.pdbx_aniso_diffraction_limit_axis_3_ortho[3]   ? 
_reflns.pdbx_aniso_diffraction_limit_1                 ? 
_reflns.pdbx_aniso_diffraction_limit_2                 ? 
_reflns.pdbx_aniso_diffraction_limit_3                 ? 
_reflns.pdbx_aniso_B_tensor_eigenvector_1_ortho[1]     ? 
_reflns.pdbx_aniso_B_tensor_eigenvector_1_ortho[2]     ? 
_reflns.pdbx_aniso_B_tensor_eigenvector_1_ortho[3]     ? 
_reflns.pdbx_aniso_B_tensor_eigenvector_2_ortho[1]     ? 
_reflns.pdbx_aniso_B_tensor_eigenvector_2_ortho[2]     ? 
_reflns.pdbx_aniso_B_tensor_eigenvector_2_ortho[3]     ? 
_reflns.pdbx_aniso_B_tensor_eigenvector_3_ortho[1]     ? 
_reflns.pdbx_aniso_B_tensor_eigenvector_3_ortho[2]     ? 
_reflns.pdbx_aniso_B_tensor_eigenvector_3_ortho[3]     ? 
_reflns.pdbx_aniso_B_tensor_eigenvalue_1               ? 
_reflns.pdbx_aniso_B_tensor_eigenvalue_2               ? 
_reflns.pdbx_aniso_B_tensor_eigenvalue_3               ? 
_reflns.pdbx_orthogonalization_convention              ? 
_reflns.pdbx_percent_possible_ellipsoidal              ? 
_reflns.pdbx_percent_possible_spherical                ? 
_reflns.pdbx_percent_possible_ellipsoidal_anomalous    ? 
_reflns.pdbx_percent_possible_spherical_anomalous      ? 
_reflns.pdbx_redundancy_anomalous                      ? 
_reflns.pdbx_CC_half_anomalous                         ? 
_reflns.pdbx_absDiff_over_sigma_anomalous              ? 
_reflns.pdbx_percent_possible_anomalous                ? 
_reflns.pdbx_observed_signal_threshold                 ? 
_reflns.pdbx_signal_type                               ? 
_reflns.pdbx_signal_details                            ? 
_reflns.pdbx_signal_software_id                        ? 
_reflns.pdbx_CC_split_method                           ? 
# 
_reflns_shell.d_res_high                                    1.895 
_reflns_shell.d_res_low                                     1.927 
_reflns_shell.meanI_over_sigI_all                           ? 
_reflns_shell.meanI_over_sigI_obs                           2.8 
_reflns_shell.number_measured_all                           ? 
_reflns_shell.number_measured_obs                           ? 
_reflns_shell.number_possible                               ? 
_reflns_shell.number_unique_all                             ? 
_reflns_shell.number_unique_obs                             356 
_reflns_shell.percent_possible_all                          ? 
_reflns_shell.percent_possible_obs                          ? 
_reflns_shell.Rmerge_F_all                                  ? 
_reflns_shell.Rmerge_F_obs                                  ? 
_reflns_shell.Rmerge_I_all                                  ? 
_reflns_shell.Rmerge_I_obs                                  1.814 
_reflns_shell.meanI_over_sigI_gt                            ? 
_reflns_shell.meanI_over_uI_all                             ? 
_reflns_shell.meanI_over_uI_gt                              ? 
_reflns_shell.number_measured_gt                            ? 
_reflns_shell.number_unique_gt                              ? 
_reflns_shell.percent_possible_gt                           ? 
_reflns_shell.Rmerge_F_gt                                   ? 
_reflns_shell.Rmerge_I_gt                                   ? 
_reflns_shell.pdbx_redundancy                               ? 
_reflns_shell.pdbx_Rsym_value                               ? 
_reflns_shell.pdbx_chi_squared                              ? 
_reflns_shell.pdbx_netI_over_sigmaI_all                     ? 
_reflns_shell.pdbx_netI_over_sigmaI_obs                     ? 
_reflns_shell.pdbx_Rrim_I_all                               1.837 
_reflns_shell.pdbx_Rpim_I_all                               0.291 
_reflns_shell.pdbx_rejects                                  ? 
_reflns_shell.pdbx_ordinal                                  1 
_reflns_shell.pdbx_diffrn_id                                1 
_reflns_shell.pdbx_CC_half                                  0.782 
_reflns_shell.pdbx_CC_star                                  ? 
_reflns_shell.pdbx_R_split                                  ? 
_reflns_shell.pdbx_percent_possible_ellipsoidal             ? 
_reflns_shell.pdbx_percent_possible_spherical               ? 
_reflns_shell.pdbx_percent_possible_ellipsoidal_anomalous   ? 
_reflns_shell.pdbx_percent_possible_spherical_anomalous     ? 
_reflns_shell.pdbx_redundancy_anomalous                     ? 
_reflns_shell.pdbx_CC_half_anomalous                        ? 
_reflns_shell.pdbx_absDiff_over_sigma_anomalous             ? 
_reflns_shell.pdbx_percent_possible_anomalous               ? 
# 
_refine.aniso_B[1][1]                            0.00 
_refine.aniso_B[1][2]                            0.00 
_refine.aniso_B[1][3]                            0.00 
_refine.aniso_B[2][2]                            0.00 
_refine.aniso_B[2][3]                            0.00 
_refine.aniso_B[3][3]                            0.00 
_refine.B_iso_max                                ? 
_refine.B_iso_mean                               64.178 
_refine.B_iso_min                                ? 
_refine.correlation_coeff_Fo_to_Fc               0.952 
_refine.correlation_coeff_Fo_to_Fc_free          0.938 
_refine.details                                  
;HYDROGENS HAVE BEEN ADDED IN THE RIDING POSITIONS
U VALUES : REFINED INDIVIDUALLY
;
_refine.diff_density_max                         ? 
_refine.diff_density_max_esd                     ? 
_refine.diff_density_min                         ? 
_refine.diff_density_min_esd                     ? 
_refine.diff_density_rms                         ? 
_refine.diff_density_rms_esd                     ? 
_refine.entry_id                                 8A9W 
_refine.pdbx_refine_id                           'X-RAY DIFFRACTION' 
_refine.ls_abs_structure_details                 ? 
_refine.ls_abs_structure_Flack                   ? 
_refine.ls_abs_structure_Flack_esd               ? 
_refine.ls_abs_structure_Rogers                  ? 
_refine.ls_abs_structure_Rogers_esd              ? 
_refine.ls_d_res_high                            1.895 
_refine.ls_d_res_low                             56.78 
_refine.ls_extinction_coef                       ? 
_refine.ls_extinction_coef_esd                   ? 
_refine.ls_extinction_expression                 ? 
_refine.ls_extinction_method                     ? 
_refine.ls_goodness_of_fit_all                   ? 
_refine.ls_goodness_of_fit_all_esd               ? 
_refine.ls_goodness_of_fit_obs                   ? 
_refine.ls_goodness_of_fit_obs_esd               ? 
_refine.ls_hydrogen_treatment                    ? 
_refine.ls_matrix_type                           ? 
_refine.ls_number_constraints                    ? 
_refine.ls_number_parameters                     ? 
_refine.ls_number_reflns_all                     ? 
_refine.ls_number_reflns_obs                     6267 
_refine.ls_number_reflns_R_free                  746 
_refine.ls_number_reflns_R_work                  ? 
_refine.ls_number_restraints                     ? 
_refine.ls_percent_reflns_obs                    100.00 
_refine.ls_percent_reflns_R_free                 10.6 
_refine.ls_R_factor_all                          ? 
_refine.ls_R_factor_obs                          0.24464 
_refine.ls_R_factor_R_free                       0.27651 
_refine.ls_R_factor_R_free_error                 ? 
_refine.ls_R_factor_R_free_error_details         ? 
_refine.ls_R_factor_R_work                       0.24076 
_refine.ls_R_Fsqd_factor_obs                     ? 
_refine.ls_R_I_factor_obs                        ? 
_refine.ls_redundancy_reflns_all                 ? 
_refine.ls_redundancy_reflns_obs                 ? 
_refine.ls_restrained_S_all                      ? 
_refine.ls_restrained_S_obs                      ? 
_refine.ls_shift_over_esd_max                    ? 
_refine.ls_shift_over_esd_mean                   ? 
_refine.ls_structure_factor_coef                 ? 
_refine.ls_weighting_details                     ? 
_refine.ls_weighting_scheme                      ? 
_refine.ls_wR_factor_all                         ? 
_refine.ls_wR_factor_obs                         ? 
_refine.ls_wR_factor_R_free                      ? 
_refine.ls_wR_factor_R_work                      ? 
_refine.occupancy_max                            ? 
_refine.occupancy_min                            ? 
_refine.solvent_model_details                    MASK 
_refine.solvent_model_param_bsol                 ? 
_refine.solvent_model_param_ksol                 ? 
_refine.pdbx_R_complete                          ? 
_refine.ls_R_factor_gt                           ? 
_refine.ls_goodness_of_fit_gt                    ? 
_refine.ls_goodness_of_fit_ref                   ? 
_refine.ls_shift_over_su_max                     ? 
_refine.ls_shift_over_su_max_lt                  ? 
_refine.ls_shift_over_su_mean                    ? 
_refine.ls_shift_over_su_mean_lt                 ? 
_refine.pdbx_ls_sigma_I                          ? 
_refine.pdbx_ls_sigma_F                          ? 
_refine.pdbx_ls_sigma_Fsqd                       ? 
_refine.pdbx_data_cutoff_high_absF               ? 
_refine.pdbx_data_cutoff_high_rms_absF           ? 
_refine.pdbx_data_cutoff_low_absF                ? 
_refine.pdbx_isotropic_thermal_model             ? 
_refine.pdbx_ls_cross_valid_method               THROUGHOUT 
_refine.pdbx_method_to_determine_struct          'MOLECULAR REPLACEMENT' 
_refine.pdbx_starting_model                      'NMR structure' 
_refine.pdbx_stereochemistry_target_values       'MAXIMUM LIKELIHOOD' 
_refine.pdbx_R_Free_selection_details            RANDOM 
_refine.pdbx_stereochem_target_val_spec_case     ? 
_refine.pdbx_overall_ESU_R                       0.188 
_refine.pdbx_overall_ESU_R_Free                  0.169 
_refine.pdbx_solvent_vdw_probe_radii             1.30 
_refine.pdbx_solvent_ion_probe_radii             1.00 
_refine.pdbx_solvent_shrinkage_radii             1.00 
_refine.pdbx_real_space_R                        ? 
_refine.pdbx_density_correlation                 ? 
_refine.pdbx_pd_number_of_powder_patterns        ? 
_refine.pdbx_pd_number_of_points                 ? 
_refine.pdbx_pd_meas_number_of_points            ? 
_refine.pdbx_pd_proc_ls_prof_R_factor            ? 
_refine.pdbx_pd_proc_ls_prof_wR_factor           ? 
_refine.pdbx_pd_Marquardt_correlation_coeff      ? 
_refine.pdbx_pd_Fsqrd_R_factor                   ? 
_refine.pdbx_pd_ls_matrix_band_width             ? 
_refine.pdbx_overall_phase_error                 ? 
_refine.pdbx_overall_SU_R_free_Cruickshank_DPI   ? 
_refine.pdbx_overall_SU_R_free_Blow_DPI          ? 
_refine.pdbx_overall_SU_R_Blow_DPI               ? 
_refine.pdbx_TLS_residual_ADP_flag               ? 
_refine.pdbx_diffrn_id                           1 
_refine.overall_SU_B                             4.681 
_refine.overall_SU_ML                            0.139 
_refine.overall_SU_R_Cruickshank_DPI             ? 
_refine.overall_SU_R_free                        ? 
_refine.overall_FOM_free_R_set                   ? 
_refine.overall_FOM_work_R_set                   ? 
_refine.pdbx_average_fsc_overall                 ? 
_refine.pdbx_average_fsc_work                    ? 
_refine.pdbx_average_fsc_free                    ? 
# 
_refine_hist.pdbx_refine_id                   'X-RAY DIFFRACTION' 
_refine_hist.cycle_id                         LAST 
_refine_hist.details                          ? 
_refine_hist.d_res_high                       1.895 
_refine_hist.d_res_low                        56.78 
_refine_hist.number_atoms_solvent             17 
_refine_hist.number_atoms_total               606 
_refine_hist.number_reflns_all                ? 
_refine_hist.number_reflns_obs                ? 
_refine_hist.number_reflns_R_free             ? 
_refine_hist.number_reflns_R_work             ? 
_refine_hist.R_factor_all                     ? 
_refine_hist.R_factor_obs                     ? 
_refine_hist.R_factor_R_free                  ? 
_refine_hist.R_factor_R_work                  ? 
_refine_hist.pdbx_number_residues_total       ? 
_refine_hist.pdbx_B_iso_mean_ligand           ? 
_refine_hist.pdbx_B_iso_mean_solvent          ? 
_refine_hist.pdbx_number_atoms_protein        579 
_refine_hist.pdbx_number_atoms_nucleic_acid   0 
_refine_hist.pdbx_number_atoms_ligand         10 
_refine_hist.pdbx_number_atoms_lipid          ? 
_refine_hist.pdbx_number_atoms_carb           ? 
_refine_hist.pdbx_pseudo_atom_details         ? 
# 
loop_
_refine_ls_restr.pdbx_refine_id 
_refine_ls_restr.criterion 
_refine_ls_restr.dev_ideal 
_refine_ls_restr.dev_ideal_target 
_refine_ls_restr.number 
_refine_ls_restr.rejects 
_refine_ls_restr.type 
_refine_ls_restr.weight 
_refine_ls_restr.pdbx_restraint_function 
'X-RAY DIFFRACTION' ? 0.007  0.018  589  ? r_bond_refined_d       ? ? 
'X-RAY DIFFRACTION' ? 0.001  0.020  588  ? r_bond_other_d         ? ? 
'X-RAY DIFFRACTION' ? 1.291  1.894  789  ? r_angle_refined_deg    ? ? 
'X-RAY DIFFRACTION' ? 1.006  2.669  1336 ? r_angle_other_deg      ? ? 
'X-RAY DIFFRACTION' ? 6.734  5.000  73   ? r_dihedral_angle_1_deg ? ? 
'X-RAY DIFFRACTION' ? 33.049 19.737 38   ? r_dihedral_angle_2_deg ? ? 
'X-RAY DIFFRACTION' ? 19.067 15.000 110  ? r_dihedral_angle_3_deg ? ? 
'X-RAY DIFFRACTION' ? 17.337 15.000 9    ? r_dihedral_angle_4_deg ? ? 
'X-RAY DIFFRACTION' ? 0.075  0.200  91   ? r_chiral_restr         ? ? 
'X-RAY DIFFRACTION' ? 0.004  0.020  662  ? r_gen_planes_refined   ? ? 
'X-RAY DIFFRACTION' ? 0.001  0.020  148  ? r_gen_planes_other     ? ? 
'X-RAY DIFFRACTION' ? 30.874 5.564  298  ? r_mcbond_it            ? ? 
'X-RAY DIFFRACTION' ? 30.812 5.536  296  ? r_mcbond_other         ? ? 
'X-RAY DIFFRACTION' ? 33.391 8.147  369  ? r_mcangle_it           ? ? 
'X-RAY DIFFRACTION' ? 33.416 8.145  369  ? r_mcangle_other        ? ? 
'X-RAY DIFFRACTION' ? 33.898 7.199  291  ? r_scbond_it            ? ? 
'X-RAY DIFFRACTION' ? 33.487 7.194  284  ? r_scbond_other         ? ? 
'X-RAY DIFFRACTION' ? 33.394 9.913  409  ? r_scangle_other        ? ? 
'X-RAY DIFFRACTION' ? 37.389 66.873 608  ? r_long_range_B_refined ? ? 
'X-RAY DIFFRACTION' ? 37.433 66.907 607  ? r_long_range_B_other   ? ? 
# 
_refine_ls_shell.pdbx_refine_id                   'X-RAY DIFFRACTION' 
_refine_ls_shell.d_res_high                       1.895 
_refine_ls_shell.d_res_low                        1.944 
_refine_ls_shell.number_reflns_all                ? 
_refine_ls_shell.number_reflns_obs                ? 
_refine_ls_shell.number_reflns_R_free             51 
_refine_ls_shell.number_reflns_R_work             440 
_refine_ls_shell.percent_reflns_obs               100.00 
_refine_ls_shell.percent_reflns_R_free            ? 
_refine_ls_shell.R_factor_all                     ? 
_refine_ls_shell.R_factor_obs                     ? 
_refine_ls_shell.R_factor_R_free                  0.349 
_refine_ls_shell.R_factor_R_free_error            ? 
_refine_ls_shell.R_factor_R_work                  0.294 
_refine_ls_shell.redundancy_reflns_all            ? 
_refine_ls_shell.redundancy_reflns_obs            ? 
_refine_ls_shell.wR_factor_all                    ? 
_refine_ls_shell.wR_factor_obs                    ? 
_refine_ls_shell.wR_factor_R_free                 ? 
_refine_ls_shell.wR_factor_R_work                 ? 
_refine_ls_shell.pdbx_R_complete                  ? 
_refine_ls_shell.pdbx_total_number_of_bins_used   20 
_refine_ls_shell.pdbx_phase_error                 ? 
_refine_ls_shell.pdbx_fsc_work                    ? 
_refine_ls_shell.pdbx_fsc_free                    ? 
# 
_struct.entry_id                     8A9W 
_struct.title                        'Crystal structure of PulL C-ter domain' 
_struct.pdbx_model_details           ? 
_struct.pdbx_formula_weight          ? 
_struct.pdbx_formula_weight_method   ? 
_struct.pdbx_model_type_details      ? 
_struct.pdbx_CASP_flag               N 
# 
_struct_keywords.entry_id        8A9W 
_struct_keywords.text            
'Type II Secretion System, Assembly platform, Klebsiella oxytoca, Ferredoxin-like domain, STRUCTURAL PROTEIN' 
_struct_keywords.pdbx_keywords   'STRUCTURAL PROTEIN' 
# 
loop_
_struct_asym.id 
_struct_asym.pdbx_blank_PDB_chainid_flag 
_struct_asym.pdbx_modified 
_struct_asym.entity_id 
_struct_asym.details 
A N N 1 ? 
B N N 2 ? 
C N N 2 ? 
D N N 3 ? 
# 
_struct_ref.id                         1 
_struct_ref.db_name                    UNP 
_struct_ref.db_code                    A0A8B2T914_KLEOX 
_struct_ref.pdbx_db_accession          A0A8B2T914 
_struct_ref.pdbx_db_isoform            ? 
_struct_ref.entity_id                  1 
_struct_ref.pdbx_seq_one_letter_code   PALISRLGALQQIIDDTPGIRLRTLSFDAARNALQLEISAVSSQALEQFSQRARARFRVQTGEMKPRADGIEGRLTLEG 
_struct_ref.pdbx_align_begin           317 
# 
_struct_ref_seq.align_id                      1 
_struct_ref_seq.ref_id                        1 
_struct_ref_seq.pdbx_PDB_id_code              8A9W 
_struct_ref_seq.pdbx_strand_id                A 
_struct_ref_seq.seq_align_beg                 1 
_struct_ref_seq.pdbx_seq_align_beg_ins_code   ? 
_struct_ref_seq.seq_align_end                 79 
_struct_ref_seq.pdbx_seq_align_end_ins_code   ? 
_struct_ref_seq.pdbx_db_accession             A0A8B2T914 
_struct_ref_seq.db_align_beg                  317 
_struct_ref_seq.pdbx_db_align_beg_ins_code    ? 
_struct_ref_seq.db_align_end                  395 
_struct_ref_seq.pdbx_db_align_end_ins_code    ? 
_struct_ref_seq.pdbx_auth_seq_align_beg       7 
_struct_ref_seq.pdbx_auth_seq_align_end       85 
# 
_pdbx_struct_assembly.id                   1 
_pdbx_struct_assembly.details              author_defined_assembly 
_pdbx_struct_assembly.method_details       ? 
_pdbx_struct_assembly.oligomeric_details   dimeric 
_pdbx_struct_assembly.oligomeric_count     2 
# 
loop_
_pdbx_struct_assembly_prop.biol_id 
_pdbx_struct_assembly_prop.type 
_pdbx_struct_assembly_prop.value 
_pdbx_struct_assembly_prop.details 
1 'ABSA (A^2)' 1240 ? 
1 MORE         -21  ? 
1 'SSA (A^2)'  8610 ? 
# 
_pdbx_struct_assembly_gen.assembly_id       1 
_pdbx_struct_assembly_gen.oper_expression   1,2 
_pdbx_struct_assembly_gen.asym_id_list      A,B,C,D 
# 
_pdbx_struct_assembly_auth_evidence.id                     1 
_pdbx_struct_assembly_auth_evidence.assembly_id            1 
_pdbx_struct_assembly_auth_evidence.experimental_support   'NMR relaxation study' 
_pdbx_struct_assembly_auth_evidence.details                ? 
# 
loop_
_pdbx_struct_oper_list.id 
_pdbx_struct_oper_list.type 
_pdbx_struct_oper_list.name 
_pdbx_struct_oper_list.symmetry_operation 
_pdbx_struct_oper_list.matrix[1][1] 
_pdbx_struct_oper_list.matrix[1][2] 
_pdbx_struct_oper_list.matrix[1][3] 
_pdbx_struct_oper_list.vector[1] 
_pdbx_struct_oper_list.matrix[2][1] 
_pdbx_struct_oper_list.matrix[2][2] 
_pdbx_struct_oper_list.matrix[2][3] 
_pdbx_struct_oper_list.vector[2] 
_pdbx_struct_oper_list.matrix[3][1] 
_pdbx_struct_oper_list.matrix[3][2] 
_pdbx_struct_oper_list.matrix[3][3] 
_pdbx_struct_oper_list.vector[3] 
1 'identity operation'         1_555  x,y,z       1.0000000000  0.0000000000 0.0000000000  0.0000000000  0.0000000000 1.0000000000  0.0000000000  0.0000000000  0.0000000000  0.0000000000  1.0000000000  0.0000000000 
2 'crystal symmetry operation' 15_555 -x+1/2,y,-z -0.3268783885 0.4762420216 -0.8162989991 -8.1954644058 0.4762420216 -0.6630527689 -0.5775418275 21.7077003176 -0.8162989991 -0.5775418275 -0.0100688425 5.9066284311 
# 
loop_
_struct_conf.conf_type_id 
_struct_conf.id 
_struct_conf.pdbx_PDB_helix_id 
_struct_conf.beg_label_comp_id 
_struct_conf.beg_label_asym_id 
_struct_conf.beg_label_seq_id 
_struct_conf.pdbx_beg_PDB_ins_code 
_struct_conf.end_label_comp_id 
_struct_conf.end_label_asym_id 
_struct_conf.end_label_seq_id 
_struct_conf.pdbx_end_PDB_ins_code 
_struct_conf.beg_auth_comp_id 
_struct_conf.beg_auth_asym_id 
_struct_conf.beg_auth_seq_id 
_struct_conf.end_auth_comp_id 
_struct_conf.end_auth_asym_id 
_struct_conf.end_auth_seq_id 
_struct_conf.pdbx_PDB_helix_class 
_struct_conf.details 
_struct_conf.pdbx_PDB_helix_length 
HELX_P HELX_P1 AA1 LEU A 3  ? THR A 17 ? LEU A 9  THR A 23 1 ? 15 
HELX_P HELX_P2 AA2 SER A 42 ? PHE A 57 ? SER A 48 PHE A 63 1 ? 16 
# 
_struct_conf_type.id          HELX_P 
_struct_conf_type.criteria    ? 
_struct_conf_type.reference   ? 
# 
_struct_sheet.id               AA1 
_struct_sheet.type             ? 
_struct_sheet.number_strands   3 
_struct_sheet.details          ? 
# 
loop_
_struct_sheet_order.sheet_id 
_struct_sheet_order.range_id_1 
_struct_sheet_order.range_id_2 
_struct_sheet_order.offset 
_struct_sheet_order.sense 
AA1 1 2 ? anti-parallel 
AA1 2 3 ? anti-parallel 
# 
loop_
_struct_sheet_range.sheet_id 
_struct_sheet_range.id 
_struct_sheet_range.beg_label_comp_id 
_struct_sheet_range.beg_label_asym_id 
_struct_sheet_range.beg_label_seq_id 
_struct_sheet_range.pdbx_beg_PDB_ins_code 
_struct_sheet_range.end_label_comp_id 
_struct_sheet_range.end_label_asym_id 
_struct_sheet_range.end_label_seq_id 
_struct_sheet_range.pdbx_end_PDB_ins_code 
_struct_sheet_range.beg_auth_comp_id 
_struct_sheet_range.beg_auth_asym_id 
_struct_sheet_range.beg_auth_seq_id 
_struct_sheet_range.end_auth_comp_id 
_struct_sheet_range.end_auth_asym_id 
_struct_sheet_range.end_auth_seq_id 
AA1 1 ILE A 20 ? ASP A 28 ? ILE A 26 ASP A 34 
AA1 2 ALA A 33 ? ALA A 40 ? ALA A 39 ALA A 46 
AA1 3 ILE A 71 ? GLU A 78 ? ILE A 77 GLU A 84 
# 
loop_
_pdbx_struct_sheet_hbond.sheet_id 
_pdbx_struct_sheet_hbond.range_id_1 
_pdbx_struct_sheet_hbond.range_id_2 
_pdbx_struct_sheet_hbond.range_1_label_atom_id 
_pdbx_struct_sheet_hbond.range_1_label_comp_id 
_pdbx_struct_sheet_hbond.range_1_label_asym_id 
_pdbx_struct_sheet_hbond.range_1_label_seq_id 
_pdbx_struct_sheet_hbond.range_1_PDB_ins_code 
_pdbx_struct_sheet_hbond.range_1_auth_atom_id 
_pdbx_struct_sheet_hbond.range_1_auth_comp_id 
_pdbx_struct_sheet_hbond.range_1_auth_asym_id 
_pdbx_struct_sheet_hbond.range_1_auth_seq_id 
_pdbx_struct_sheet_hbond.range_2_label_atom_id 
_pdbx_struct_sheet_hbond.range_2_label_comp_id 
_pdbx_struct_sheet_hbond.range_2_label_asym_id 
_pdbx_struct_sheet_hbond.range_2_label_seq_id 
_pdbx_struct_sheet_hbond.range_2_PDB_ins_code 
_pdbx_struct_sheet_hbond.range_2_auth_atom_id 
_pdbx_struct_sheet_hbond.range_2_auth_comp_id 
_pdbx_struct_sheet_hbond.range_2_auth_asym_id 
_pdbx_struct_sheet_hbond.range_2_auth_seq_id 
AA1 1 2 N SER A 26 ? N SER A 32 O GLN A 35 ? O GLN A 41 
AA1 2 3 N LEU A 34 ? N LEU A 40 O LEU A 77 ? O LEU A 83 
# 
loop_
_pdbx_validate_torsion.id 
_pdbx_validate_torsion.PDB_model_num 
_pdbx_validate_torsion.auth_comp_id 
_pdbx_validate_torsion.auth_asym_id 
_pdbx_validate_torsion.auth_seq_id 
_pdbx_validate_torsion.PDB_ins_code 
_pdbx_validate_torsion.label_alt_id 
_pdbx_validate_torsion.phi 
_pdbx_validate_torsion.psi 
1 1 VAL A 65 ? ? 123.23 154.85 
2 1 GLU A 69 ? ? 42.22  -94.56 
3 1 MET A 70 ? ? 70.67  145.31 
# 
_pdbx_entry_details.entry_id                 8A9W 
_pdbx_entry_details.has_ligand_of_interest   N 
_pdbx_entry_details.compound_details         ? 
_pdbx_entry_details.source_details           ? 
_pdbx_entry_details.nonpolymer_details       ? 
_pdbx_entry_details.sequence_details         ? 
# 
loop_
_pdbx_unobs_or_zero_occ_residues.id 
_pdbx_unobs_or_zero_occ_residues.PDB_model_num 
_pdbx_unobs_or_zero_occ_residues.polymer_flag 
_pdbx_unobs_or_zero_occ_residues.occupancy_flag 
_pdbx_unobs_or_zero_occ_residues.auth_asym_id 
_pdbx_unobs_or_zero_occ_residues.auth_comp_id 
_pdbx_unobs_or_zero_occ_residues.auth_seq_id 
_pdbx_unobs_or_zero_occ_residues.PDB_ins_code 
_pdbx_unobs_or_zero_occ_residues.label_asym_id 
_pdbx_unobs_or_zero_occ_residues.label_comp_id 
_pdbx_unobs_or_zero_occ_residues.label_seq_id 
1 1 Y 1 A PRO 7  ? A PRO 1  
2 1 Y 1 A PRO 72 ? A PRO 66 
3 1 Y 1 A ARG 73 ? A ARG 67 
4 1 Y 1 A ALA 74 ? A ALA 68 
# 
loop_
_chem_comp_atom.comp_id 
_chem_comp_atom.atom_id 
_chem_comp_atom.type_symbol 
_chem_comp_atom.pdbx_aromatic_flag 
_chem_comp_atom.pdbx_stereo_config 
_chem_comp_atom.pdbx_ordinal 
ALA N    N N N 1   
ALA CA   C N S 2   
ALA C    C N N 3   
ALA O    O N N 4   
ALA CB   C N N 5   
ALA OXT  O N N 6   
ALA H    H N N 7   
ALA H2   H N N 8   
ALA HA   H N N 9   
ALA HB1  H N N 10  
ALA HB2  H N N 11  
ALA HB3  H N N 12  
ALA HXT  H N N 13  
ARG N    N N N 14  
ARG CA   C N S 15  
ARG C    C N N 16  
ARG O    O N N 17  
ARG CB   C N N 18  
ARG CG   C N N 19  
ARG CD   C N N 20  
ARG NE   N N N 21  
ARG CZ   C N N 22  
ARG NH1  N N N 23  
ARG NH2  N N N 24  
ARG OXT  O N N 25  
ARG H    H N N 26  
ARG H2   H N N 27  
ARG HA   H N N 28  
ARG HB2  H N N 29  
ARG HB3  H N N 30  
ARG HG2  H N N 31  
ARG HG3  H N N 32  
ARG HD2  H N N 33  
ARG HD3  H N N 34  
ARG HE   H N N 35  
ARG HH11 H N N 36  
ARG HH12 H N N 37  
ARG HH21 H N N 38  
ARG HH22 H N N 39  
ARG HXT  H N N 40  
ASN N    N N N 41  
ASN CA   C N S 42  
ASN C    C N N 43  
ASN O    O N N 44  
ASN CB   C N N 45  
ASN CG   C N N 46  
ASN OD1  O N N 47  
ASN ND2  N N N 48  
ASN OXT  O N N 49  
ASN H    H N N 50  
ASN H2   H N N 51  
ASN HA   H N N 52  
ASN HB2  H N N 53  
ASN HB3  H N N 54  
ASN HD21 H N N 55  
ASN HD22 H N N 56  
ASN HXT  H N N 57  
ASP N    N N N 58  
ASP CA   C N S 59  
ASP C    C N N 60  
ASP O    O N N 61  
ASP CB   C N N 62  
ASP CG   C N N 63  
ASP OD1  O N N 64  
ASP OD2  O N N 65  
ASP OXT  O N N 66  
ASP H    H N N 67  
ASP H2   H N N 68  
ASP HA   H N N 69  
ASP HB2  H N N 70  
ASP HB3  H N N 71  
ASP HD2  H N N 72  
ASP HXT  H N N 73  
GLN N    N N N 74  
GLN CA   C N S 75  
GLN C    C N N 76  
GLN O    O N N 77  
GLN CB   C N N 78  
GLN CG   C N N 79  
GLN CD   C N N 80  
GLN OE1  O N N 81  
GLN NE2  N N N 82  
GLN OXT  O N N 83  
GLN H    H N N 84  
GLN H2   H N N 85  
GLN HA   H N N 86  
GLN HB2  H N N 87  
GLN HB3  H N N 88  
GLN HG2  H N N 89  
GLN HG3  H N N 90  
GLN HE21 H N N 91  
GLN HE22 H N N 92  
GLN HXT  H N N 93  
GLU N    N N N 94  
GLU CA   C N S 95  
GLU C    C N N 96  
GLU O    O N N 97  
GLU CB   C N N 98  
GLU CG   C N N 99  
GLU CD   C N N 100 
GLU OE1  O N N 101 
GLU OE2  O N N 102 
GLU OXT  O N N 103 
GLU H    H N N 104 
GLU H2   H N N 105 
GLU HA   H N N 106 
GLU HB2  H N N 107 
GLU HB3  H N N 108 
GLU HG2  H N N 109 
GLU HG3  H N N 110 
GLU HE2  H N N 111 
GLU HXT  H N N 112 
GLY N    N N N 113 
GLY CA   C N N 114 
GLY C    C N N 115 
GLY O    O N N 116 
GLY OXT  O N N 117 
GLY H    H N N 118 
GLY H2   H N N 119 
GLY HA2  H N N 120 
GLY HA3  H N N 121 
GLY HXT  H N N 122 
HOH O    O N N 123 
HOH H1   H N N 124 
HOH H2   H N N 125 
ILE N    N N N 126 
ILE CA   C N S 127 
ILE C    C N N 128 
ILE O    O N N 129 
ILE CB   C N S 130 
ILE CG1  C N N 131 
ILE CG2  C N N 132 
ILE CD1  C N N 133 
ILE OXT  O N N 134 
ILE H    H N N 135 
ILE H2   H N N 136 
ILE HA   H N N 137 
ILE HB   H N N 138 
ILE HG12 H N N 139 
ILE HG13 H N N 140 
ILE HG21 H N N 141 
ILE HG22 H N N 142 
ILE HG23 H N N 143 
ILE HD11 H N N 144 
ILE HD12 H N N 145 
ILE HD13 H N N 146 
ILE HXT  H N N 147 
LEU N    N N N 148 
LEU CA   C N S 149 
LEU C    C N N 150 
LEU O    O N N 151 
LEU CB   C N N 152 
LEU CG   C N N 153 
LEU CD1  C N N 154 
LEU CD2  C N N 155 
LEU OXT  O N N 156 
LEU H    H N N 157 
LEU H2   H N N 158 
LEU HA   H N N 159 
LEU HB2  H N N 160 
LEU HB3  H N N 161 
LEU HG   H N N 162 
LEU HD11 H N N 163 
LEU HD12 H N N 164 
LEU HD13 H N N 165 
LEU HD21 H N N 166 
LEU HD22 H N N 167 
LEU HD23 H N N 168 
LEU HXT  H N N 169 
LYS N    N N N 170 
LYS CA   C N S 171 
LYS C    C N N 172 
LYS O    O N N 173 
LYS CB   C N N 174 
LYS CG   C N N 175 
LYS CD   C N N 176 
LYS CE   C N N 177 
LYS NZ   N N N 178 
LYS OXT  O N N 179 
LYS H    H N N 180 
LYS H2   H N N 181 
LYS HA   H N N 182 
LYS HB2  H N N 183 
LYS HB3  H N N 184 
LYS HG2  H N N 185 
LYS HG3  H N N 186 
LYS HD2  H N N 187 
LYS HD3  H N N 188 
LYS HE2  H N N 189 
LYS HE3  H N N 190 
LYS HZ1  H N N 191 
LYS HZ2  H N N 192 
LYS HZ3  H N N 193 
LYS HXT  H N N 194 
MET N    N N N 195 
MET CA   C N S 196 
MET C    C N N 197 
MET O    O N N 198 
MET CB   C N N 199 
MET CG   C N N 200 
MET SD   S N N 201 
MET CE   C N N 202 
MET OXT  O N N 203 
MET H    H N N 204 
MET H2   H N N 205 
MET HA   H N N 206 
MET HB2  H N N 207 
MET HB3  H N N 208 
MET HG2  H N N 209 
MET HG3  H N N 210 
MET HE1  H N N 211 
MET HE2  H N N 212 
MET HE3  H N N 213 
MET HXT  H N N 214 
PHE N    N N N 215 
PHE CA   C N S 216 
PHE C    C N N 217 
PHE O    O N N 218 
PHE CB   C N N 219 
PHE CG   C Y N 220 
PHE CD1  C Y N 221 
PHE CD2  C Y N 222 
PHE CE1  C Y N 223 
PHE CE2  C Y N 224 
PHE CZ   C Y N 225 
PHE OXT  O N N 226 
PHE H    H N N 227 
PHE H2   H N N 228 
PHE HA   H N N 229 
PHE HB2  H N N 230 
PHE HB3  H N N 231 
PHE HD1  H N N 232 
PHE HD2  H N N 233 
PHE HE1  H N N 234 
PHE HE2  H N N 235 
PHE HZ   H N N 236 
PHE HXT  H N N 237 
PRO N    N N N 238 
PRO CA   C N S 239 
PRO C    C N N 240 
PRO O    O N N 241 
PRO CB   C N N 242 
PRO CG   C N N 243 
PRO CD   C N N 244 
PRO OXT  O N N 245 
PRO H    H N N 246 
PRO HA   H N N 247 
PRO HB2  H N N 248 
PRO HB3  H N N 249 
PRO HG2  H N N 250 
PRO HG3  H N N 251 
PRO HD2  H N N 252 
PRO HD3  H N N 253 
PRO HXT  H N N 254 
SER N    N N N 255 
SER CA   C N S 256 
SER C    C N N 257 
SER O    O N N 258 
SER CB   C N N 259 
SER OG   O N N 260 
SER OXT  O N N 261 
SER H    H N N 262 
SER H2   H N N 263 
SER HA   H N N 264 
SER HB2  H N N 265 
SER HB3  H N N 266 
SER HG   H N N 267 
SER HXT  H N N 268 
SO4 S    S N N 269 
SO4 O1   O N N 270 
SO4 O2   O N N 271 
SO4 O3   O N N 272 
SO4 O4   O N N 273 
THR N    N N N 274 
THR CA   C N S 275 
THR C    C N N 276 
THR O    O N N 277 
THR CB   C N R 278 
THR OG1  O N N 279 
THR CG2  C N N 280 
THR OXT  O N N 281 
THR H    H N N 282 
THR H2   H N N 283 
THR HA   H N N 284 
THR HB   H N N 285 
THR HG1  H N N 286 
THR HG21 H N N 287 
THR HG22 H N N 288 
THR HG23 H N N 289 
THR HXT  H N N 290 
VAL N    N N N 291 
VAL CA   C N S 292 
VAL C    C N N 293 
VAL O    O N N 294 
VAL CB   C N N 295 
VAL CG1  C N N 296 
VAL CG2  C N N 297 
VAL OXT  O N N 298 
VAL H    H N N 299 
VAL H2   H N N 300 
VAL HA   H N N 301 
VAL HB   H N N 302 
VAL HG11 H N N 303 
VAL HG12 H N N 304 
VAL HG13 H N N 305 
VAL HG21 H N N 306 
VAL HG22 H N N 307 
VAL HG23 H N N 308 
VAL HXT  H N N 309 
# 
loop_
_chem_comp_bond.comp_id 
_chem_comp_bond.atom_id_1 
_chem_comp_bond.atom_id_2 
_chem_comp_bond.value_order 
_chem_comp_bond.pdbx_aromatic_flag 
_chem_comp_bond.pdbx_stereo_config 
_chem_comp_bond.pdbx_ordinal 
ALA N   CA   sing N N 1   
ALA N   H    sing N N 2   
ALA N   H2   sing N N 3   
ALA CA  C    sing N N 4   
ALA CA  CB   sing N N 5   
ALA CA  HA   sing N N 6   
ALA C   O    doub N N 7   
ALA C   OXT  sing N N 8   
ALA CB  HB1  sing N N 9   
ALA CB  HB2  sing N N 10  
ALA CB  HB3  sing N N 11  
ALA OXT HXT  sing N N 12  
ARG N   CA   sing N N 13  
ARG N   H    sing N N 14  
ARG N   H2   sing N N 15  
ARG CA  C    sing N N 16  
ARG CA  CB   sing N N 17  
ARG CA  HA   sing N N 18  
ARG C   O    doub N N 19  
ARG C   OXT  sing N N 20  
ARG CB  CG   sing N N 21  
ARG CB  HB2  sing N N 22  
ARG CB  HB3  sing N N 23  
ARG CG  CD   sing N N 24  
ARG CG  HG2  sing N N 25  
ARG CG  HG3  sing N N 26  
ARG CD  NE   sing N N 27  
ARG CD  HD2  sing N N 28  
ARG CD  HD3  sing N N 29  
ARG NE  CZ   sing N N 30  
ARG NE  HE   sing N N 31  
ARG CZ  NH1  sing N N 32  
ARG CZ  NH2  doub N N 33  
ARG NH1 HH11 sing N N 34  
ARG NH1 HH12 sing N N 35  
ARG NH2 HH21 sing N N 36  
ARG NH2 HH22 sing N N 37  
ARG OXT HXT  sing N N 38  
ASN N   CA   sing N N 39  
ASN N   H    sing N N 40  
ASN N   H2   sing N N 41  
ASN CA  C    sing N N 42  
ASN CA  CB   sing N N 43  
ASN CA  HA   sing N N 44  
ASN C   O    doub N N 45  
ASN C   OXT  sing N N 46  
ASN CB  CG   sing N N 47  
ASN CB  HB2  sing N N 48  
ASN CB  HB3  sing N N 49  
ASN CG  OD1  doub N N 50  
ASN CG  ND2  sing N N 51  
ASN ND2 HD21 sing N N 52  
ASN ND2 HD22 sing N N 53  
ASN OXT HXT  sing N N 54  
ASP N   CA   sing N N 55  
ASP N   H    sing N N 56  
ASP N   H2   sing N N 57  
ASP CA  C    sing N N 58  
ASP CA  CB   sing N N 59  
ASP CA  HA   sing N N 60  
ASP C   O    doub N N 61  
ASP C   OXT  sing N N 62  
ASP CB  CG   sing N N 63  
ASP CB  HB2  sing N N 64  
ASP CB  HB3  sing N N 65  
ASP CG  OD1  doub N N 66  
ASP CG  OD2  sing N N 67  
ASP OD2 HD2  sing N N 68  
ASP OXT HXT  sing N N 69  
GLN N   CA   sing N N 70  
GLN N   H    sing N N 71  
GLN N   H2   sing N N 72  
GLN CA  C    sing N N 73  
GLN CA  CB   sing N N 74  
GLN CA  HA   sing N N 75  
GLN C   O    doub N N 76  
GLN C   OXT  sing N N 77  
GLN CB  CG   sing N N 78  
GLN CB  HB2  sing N N 79  
GLN CB  HB3  sing N N 80  
GLN CG  CD   sing N N 81  
GLN CG  HG2  sing N N 82  
GLN CG  HG3  sing N N 83  
GLN CD  OE1  doub N N 84  
GLN CD  NE2  sing N N 85  
GLN NE2 HE21 sing N N 86  
GLN NE2 HE22 sing N N 87  
GLN OXT HXT  sing N N 88  
GLU N   CA   sing N N 89  
GLU N   H    sing N N 90  
GLU N   H2   sing N N 91  
GLU CA  C    sing N N 92  
GLU CA  CB   sing N N 93  
GLU CA  HA   sing N N 94  
GLU C   O    doub N N 95  
GLU C   OXT  sing N N 96  
GLU CB  CG   sing N N 97  
GLU CB  HB2  sing N N 98  
GLU CB  HB3  sing N N 99  
GLU CG  CD   sing N N 100 
GLU CG  HG2  sing N N 101 
GLU CG  HG3  sing N N 102 
GLU CD  OE1  doub N N 103 
GLU CD  OE2  sing N N 104 
GLU OE2 HE2  sing N N 105 
GLU OXT HXT  sing N N 106 
GLY N   CA   sing N N 107 
GLY N   H    sing N N 108 
GLY N   H2   sing N N 109 
GLY CA  C    sing N N 110 
GLY CA  HA2  sing N N 111 
GLY CA  HA3  sing N N 112 
GLY C   O    doub N N 113 
GLY C   OXT  sing N N 114 
GLY OXT HXT  sing N N 115 
HOH O   H1   sing N N 116 
HOH O   H2   sing N N 117 
ILE N   CA   sing N N 118 
ILE N   H    sing N N 119 
ILE N   H2   sing N N 120 
ILE CA  C    sing N N 121 
ILE CA  CB   sing N N 122 
ILE CA  HA   sing N N 123 
ILE C   O    doub N N 124 
ILE C   OXT  sing N N 125 
ILE CB  CG1  sing N N 126 
ILE CB  CG2  sing N N 127 
ILE CB  HB   sing N N 128 
ILE CG1 CD1  sing N N 129 
ILE CG1 HG12 sing N N 130 
ILE CG1 HG13 sing N N 131 
ILE CG2 HG21 sing N N 132 
ILE CG2 HG22 sing N N 133 
ILE CG2 HG23 sing N N 134 
ILE CD1 HD11 sing N N 135 
ILE CD1 HD12 sing N N 136 
ILE CD1 HD13 sing N N 137 
ILE OXT HXT  sing N N 138 
LEU N   CA   sing N N 139 
LEU N   H    sing N N 140 
LEU N   H2   sing N N 141 
LEU CA  C    sing N N 142 
LEU CA  CB   sing N N 143 
LEU CA  HA   sing N N 144 
LEU C   O    doub N N 145 
LEU C   OXT  sing N N 146 
LEU CB  CG   sing N N 147 
LEU CB  HB2  sing N N 148 
LEU CB  HB3  sing N N 149 
LEU CG  CD1  sing N N 150 
LEU CG  CD2  sing N N 151 
LEU CG  HG   sing N N 152 
LEU CD1 HD11 sing N N 153 
LEU CD1 HD12 sing N N 154 
LEU CD1 HD13 sing N N 155 
LEU CD2 HD21 sing N N 156 
LEU CD2 HD22 sing N N 157 
LEU CD2 HD23 sing N N 158 
LEU OXT HXT  sing N N 159 
LYS N   CA   sing N N 160 
LYS N   H    sing N N 161 
LYS N   H2   sing N N 162 
LYS CA  C    sing N N 163 
LYS CA  CB   sing N N 164 
LYS CA  HA   sing N N 165 
LYS C   O    doub N N 166 
LYS C   OXT  sing N N 167 
LYS CB  CG   sing N N 168 
LYS CB  HB2  sing N N 169 
LYS CB  HB3  sing N N 170 
LYS CG  CD   sing N N 171 
LYS CG  HG2  sing N N 172 
LYS CG  HG3  sing N N 173 
LYS CD  CE   sing N N 174 
LYS CD  HD2  sing N N 175 
LYS CD  HD3  sing N N 176 
LYS CE  NZ   sing N N 177 
LYS CE  HE2  sing N N 178 
LYS CE  HE3  sing N N 179 
LYS NZ  HZ1  sing N N 180 
LYS NZ  HZ2  sing N N 181 
LYS NZ  HZ3  sing N N 182 
LYS OXT HXT  sing N N 183 
MET N   CA   sing N N 184 
MET N   H    sing N N 185 
MET N   H2   sing N N 186 
MET CA  C    sing N N 187 
MET CA  CB   sing N N 188 
MET CA  HA   sing N N 189 
MET C   O    doub N N 190 
MET C   OXT  sing N N 191 
MET CB  CG   sing N N 192 
MET CB  HB2  sing N N 193 
MET CB  HB3  sing N N 194 
MET CG  SD   sing N N 195 
MET CG  HG2  sing N N 196 
MET CG  HG3  sing N N 197 
MET SD  CE   sing N N 198 
MET CE  HE1  sing N N 199 
MET CE  HE2  sing N N 200 
MET CE  HE3  sing N N 201 
MET OXT HXT  sing N N 202 
PHE N   CA   sing N N 203 
PHE N   H    sing N N 204 
PHE N   H2   sing N N 205 
PHE CA  C    sing N N 206 
PHE CA  CB   sing N N 207 
PHE CA  HA   sing N N 208 
PHE C   O    doub N N 209 
PHE C   OXT  sing N N 210 
PHE CB  CG   sing N N 211 
PHE CB  HB2  sing N N 212 
PHE CB  HB3  sing N N 213 
PHE CG  CD1  doub Y N 214 
PHE CG  CD2  sing Y N 215 
PHE CD1 CE1  sing Y N 216 
PHE CD1 HD1  sing N N 217 
PHE CD2 CE2  doub Y N 218 
PHE CD2 HD2  sing N N 219 
PHE CE1 CZ   doub Y N 220 
PHE CE1 HE1  sing N N 221 
PHE CE2 CZ   sing Y N 222 
PHE CE2 HE2  sing N N 223 
PHE CZ  HZ   sing N N 224 
PHE OXT HXT  sing N N 225 
PRO N   CA   sing N N 226 
PRO N   CD   sing N N 227 
PRO N   H    sing N N 228 
PRO CA  C    sing N N 229 
PRO CA  CB   sing N N 230 
PRO CA  HA   sing N N 231 
PRO C   O    doub N N 232 
PRO C   OXT  sing N N 233 
PRO CB  CG   sing N N 234 
PRO CB  HB2  sing N N 235 
PRO CB  HB3  sing N N 236 
PRO CG  CD   sing N N 237 
PRO CG  HG2  sing N N 238 
PRO CG  HG3  sing N N 239 
PRO CD  HD2  sing N N 240 
PRO CD  HD3  sing N N 241 
PRO OXT HXT  sing N N 242 
SER N   CA   sing N N 243 
SER N   H    sing N N 244 
SER N   H2   sing N N 245 
SER CA  C    sing N N 246 
SER CA  CB   sing N N 247 
SER CA  HA   sing N N 248 
SER C   O    doub N N 249 
SER C   OXT  sing N N 250 
SER CB  OG   sing N N 251 
SER CB  HB2  sing N N 252 
SER CB  HB3  sing N N 253 
SER OG  HG   sing N N 254 
SER OXT HXT  sing N N 255 
SO4 S   O1   doub N N 256 
SO4 S   O2   doub N N 257 
SO4 S   O3   sing N N 258 
SO4 S   O4   sing N N 259 
THR N   CA   sing N N 260 
THR N   H    sing N N 261 
THR N   H2   sing N N 262 
THR CA  C    sing N N 263 
THR CA  CB   sing N N 264 
THR CA  HA   sing N N 265 
THR C   O    doub N N 266 
THR C   OXT  sing N N 267 
THR CB  OG1  sing N N 268 
THR CB  CG2  sing N N 269 
THR CB  HB   sing N N 270 
THR OG1 HG1  sing N N 271 
THR CG2 HG21 sing N N 272 
THR CG2 HG22 sing N N 273 
THR CG2 HG23 sing N N 274 
THR OXT HXT  sing N N 275 
VAL N   CA   sing N N 276 
VAL N   H    sing N N 277 
VAL N   H2   sing N N 278 
VAL CA  C    sing N N 279 
VAL CA  CB   sing N N 280 
VAL CA  HA   sing N N 281 
VAL C   O    doub N N 282 
VAL C   OXT  sing N N 283 
VAL CB  CG1  sing N N 284 
VAL CB  CG2  sing N N 285 
VAL CB  HB   sing N N 286 
VAL CG1 HG11 sing N N 287 
VAL CG1 HG12 sing N N 288 
VAL CG1 HG13 sing N N 289 
VAL CG2 HG21 sing N N 290 
VAL CG2 HG22 sing N N 291 
VAL CG2 HG23 sing N N 292 
VAL OXT HXT  sing N N 293 
# 
_pdbx_audit_support.funding_organization   'Agence Nationale de la Recherche (ANR)' 
_pdbx_audit_support.country                France 
_pdbx_audit_support.grant_number           19-CE11-0020-01 
_pdbx_audit_support.ordinal                1 
# 
_pdbx_initial_refinement_model.accession_code   ? 
_pdbx_initial_refinement_model.id               1 
_pdbx_initial_refinement_model.entity_id_list   ? 
_pdbx_initial_refinement_model.type             'experimental model' 
_pdbx_initial_refinement_model.source_name      Other 
_pdbx_initial_refinement_model.details          'NMR structure' 
# 
_atom_sites.entry_id                    8A9W 
_atom_sites.Cartn_transf_matrix[1][1]   ? 
_atom_sites.Cartn_transf_matrix[1][2]   ? 
_atom_sites.Cartn_transf_matrix[1][3]   ? 
_atom_sites.Cartn_transf_matrix[2][1]   ? 
_atom_sites.Cartn_transf_matrix[2][2]   ? 
_atom_sites.Cartn_transf_matrix[2][3]   ? 
_atom_sites.Cartn_transf_matrix[3][1]   ? 
_atom_sites.Cartn_transf_matrix[3][2]   ? 
_atom_sites.Cartn_transf_matrix[3][3]   ? 
_atom_sites.Cartn_transf_vector[1]      ? 
_atom_sites.Cartn_transf_vector[2]      ? 
_atom_sites.Cartn_transf_vector[3]      ? 
_atom_sites.fract_transf_matrix[1][1]   0.00346645 
_atom_sites.fract_transf_matrix[1][2]   0.00886444 
_atom_sites.fract_transf_matrix[1][3]   0.00803010 
_atom_sites.fract_transf_matrix[2][1]   0.00722447 
_atom_sites.fract_transf_matrix[2][2]   0.00511140 
_atom_sites.fract_transf_matrix[2][3]   -0.00876116 
_atom_sites.fract_transf_matrix[3][1]   -0.00953247 
_atom_sites.fract_transf_matrix[3][2]   0.00709736 
_atom_sites.fract_transf_matrix[3][3]   -0.00371978 
_atom_sites.fract_transf_vector[1]      0.144270 
_atom_sites.fract_transf_vector[2]      -0.072198 
_atom_sites.fract_transf_vector[3]      -0.105109 
_atom_sites.solution_primary            ? 
_atom_sites.solution_secondary          ? 
_atom_sites.solution_hydrogens          ? 
_atom_sites.special_details             ? 
# 
loop_
_atom_type.symbol 
C 
N 
O 
S 
# 
loop_
_atom_site.group_PDB 
_atom_site.id 
_atom_site.type_symbol 
_atom_site.label_atom_id 
_atom_site.label_alt_id 
_atom_site.label_comp_id 
_atom_site.label_asym_id 
_atom_site.label_entity_id 
_atom_site.label_seq_id 
_atom_site.pdbx_PDB_ins_code 
_atom_site.Cartn_x 
_atom_site.Cartn_y 
_atom_site.Cartn_z 
_atom_site.occupancy 
_atom_site.B_iso_or_equiv 
_atom_site.pdbx_formal_charge 
_atom_site.auth_seq_id 
_atom_site.auth_comp_id 
_atom_site.auth_asym_id 
_atom_site.auth_atom_id 
_atom_site.pdbx_PDB_model_num 
ATOM   1   N N   . ALA A 1 2  ? 7.844   14.354  2.940   1.00 96.06  ? 8   ALA A N   1 
ATOM   2   C CA  . ALA A 1 2  ? 7.589   13.114  3.738   1.00 94.00  ? 8   ALA A CA  1 
ATOM   3   C C   . ALA A 1 2  ? 6.219   12.526  3.435   1.00 96.11  ? 8   ALA A C   1 
ATOM   4   O O   . ALA A 1 2  ? 6.062   11.314  3.372   1.00 93.09  ? 8   ALA A O   1 
ATOM   5   C CB  . ALA A 1 2  ? 7.711   13.398  5.228   1.00 77.51  ? 8   ALA A CB  1 
ATOM   6   N N   . LEU A 1 3  ? 5.222   13.401  3.271   1.00 85.09  ? 9   LEU A N   1 
ATOM   7   C CA  . LEU A 1 3  ? 3.871   12.988  2.932   1.00 80.05  ? 9   LEU A CA  1 
ATOM   8   C C   . LEU A 1 3  ? 3.663   13.069  1.429   1.00 38.62  ? 9   LEU A C   1 
ATOM   9   O O   . LEU A 1 3  ? 3.274   12.089  0.810   1.00 58.63  ? 9   LEU A O   1 
ATOM   10  C CB  . LEU A 1 3  ? 2.837   13.855  3.650   1.00 84.78  ? 9   LEU A CB  1 
ATOM   11  C CG  . LEU A 1 3  ? 1.370   13.575  3.307   1.00 52.91  ? 9   LEU A CG  1 
ATOM   12  C CD1 . LEU A 1 3  ? 1.054   12.090  3.362   1.00 82.16  ? 9   LEU A CD1 1 
ATOM   13  C CD2 . LEU A 1 3  ? 0.462   14.328  4.258   1.00 76.29  ? 9   LEU A CD2 1 
ATOM   14  N N   . ILE A 1 4  ? 3.934   14.249  0.864   1.00 72.92  ? 10  ILE A N   1 
ATOM   15  C CA  . ILE A 1 4  ? 3.686   14.544  -0.544  1.00 71.99  ? 10  ILE A CA  1 
ATOM   16  C C   . ILE A 1 4  ? 4.533   13.693  -1.489  1.00 152.19 ? 10  ILE A C   1 
ATOM   17  O O   . ILE A 1 4  ? 4.063   13.300  -2.563  1.00 61.70  ? 10  ILE A O   1 
ATOM   18  C CB  . ILE A 1 4  ? 3.930   16.045  -0.860  1.00 146.37 ? 10  ILE A CB  1 
ATOM   19  C CG1 . ILE A 1 4  ? 3.369   16.418  -2.242  1.00 88.32  ? 10  ILE A CG1 1 
ATOM   20  C CG2 . ILE A 1 4  ? 5.417   16.398  -0.774  1.00 89.76  ? 10  ILE A CG2 1 
ATOM   21  C CD1 . ILE A 1 4  ? 1.924   16.021  -2.461  1.00 96.02  ? 10  ILE A CD1 1 
ATOM   22  N N   . SER A 1 5  ? 5.777   13.416  -1.075  1.00 54.30  ? 11  SER A N   1 
ATOM   23  C CA  . SER A 1 5  ? 6.778   12.779  -1.922  1.00 64.90  ? 11  SER A CA  1 
ATOM   24  C C   . SER A 1 5  ? 6.632   11.267  -1.863  1.00 93.22  ? 11  SER A C   1 
ATOM   25  O O   . SER A 1 5  ? 6.793   10.567  -2.876  1.00 58.77  ? 11  SER A O   1 
ATOM   26  C CB  . SER A 1 5  ? 8.185   13.196  -1.485  1.00 80.02  ? 11  SER A CB  1 
ATOM   27  O OG  . SER A 1 5  ? 8.360   14.600  -1.593  1.00 108.73 ? 11  SER A OG  1 
ATOM   28  N N   . ARG A 1 6  ? 6.329   10.767  -0.662  1.00 56.96  ? 12  ARG A N   1 
ATOM   29  C CA  . ARG A 1 6  ? 6.038   9.334   -0.407  1.00 58.98  ? 12  ARG A CA  1 
ATOM   30  C C   . ARG A 1 6  ? 4.729   8.970   -1.125  1.00 50.90  ? 12  ARG A C   1 
ATOM   31  O O   . ARG A 1 6  ? 4.657   7.854   -1.662  1.00 45.88  ? 12  ARG A O   1 
ATOM   32  C CB  . ARG A 1 6  ? 5.990   9.051   1.099   1.00 77.65  ? 12  ARG A CB  1 
ATOM   33  C CG  . ARG A 1 6  ? 7.311   9.274   1.827   1.00 113.37 ? 12  ARG A CG  1 
ATOM   34  C CD  . ARG A 1 6  ? 8.392   8.259   1.493   1.00 160.38 ? 12  ARG A CD  1 
ATOM   35  N NE  . ARG A 1 6  ? 9.166   8.584   0.300   1.00 92.38  ? 12  ARG A NE  1 
ATOM   36  C CZ  . ARG A 1 6  ? 9.945   7.728   -0.364  1.00 101.92 ? 12  ARG A CZ  1 
ATOM   37  N NH1 . ARG A 1 6  ? 10.059  6.468   0.027   1.00 90.63  ? 12  ARG A NH1 1 
ATOM   38  N NH2 . ARG A 1 6  ? 10.606  8.140   -1.432  1.00 91.56  ? 12  ARG A NH2 1 
ATOM   39  N N   . LEU A 1 7  ? 3.758   9.890   -1.169  1.00 55.49  ? 13  LEU A N   1 
ATOM   40  C CA  . LEU A 1 7  ? 2.463   9.647   -1.818  1.00 54.60  ? 13  LEU A CA  1 
ATOM   41  C C   . LEU A 1 7  ? 2.618   9.392   -3.313  1.00 70.08  ? 13  LEU A C   1 
ATOM   42  O O   . LEU A 1 7  ? 1.970   8.504   -3.865  1.00 46.85  ? 13  LEU A O   1 
ATOM   43  C CB  . LEU A 1 7  ? 1.497   10.820  -1.600  1.00 66.12  ? 13  LEU A CB  1 
ATOM   44  C CG  . LEU A 1 7  ? 0.090   10.461  -1.128  1.00 79.20  ? 13  LEU A CG  1 
ATOM   45  C CD1 . LEU A 1 7  ? -0.545  9.372   -1.981  1.00 84.52  ? 13  LEU A CD1 1 
ATOM   46  C CD2 . LEU A 1 7  ? 0.140   10.041  0.330   1.00 95.93  ? 13  LEU A CD2 1 
ATOM   47  N N   . GLY A 1 8  ? 3.477   10.183  -3.962  1.00 58.86  ? 14  GLY A N   1 
ATOM   48  C CA  . GLY A 1 8  ? 3.797   10.023  -5.371  1.00 57.68  ? 14  GLY A CA  1 
ATOM   49  C C   . GLY A 1 8  ? 4.476   8.696   -5.692  1.00 43.20  ? 14  GLY A C   1 
ATOM   50  O O   . GLY A 1 8  ? 4.166   8.063   -6.708  1.00 50.97  ? 14  GLY A O   1 
ATOM   51  N N   . ALA A 1 9  ? 5.411   8.288   -4.832  1.00 51.49  ? 15  ALA A N   1 
ATOM   52  C CA  . ALA A 1 9  ? 6.075   6.988   -4.938  1.00 53.83  ? 15  ALA A CA  1 
ATOM   53  C C   . ALA A 1 9  ? 5.064   5.839   -4.795  1.00 46.02  ? 15  ALA A C   1 
ATOM   54  O O   . ALA A 1 9  ? 5.069   4.889   -5.567  1.00 43.75  ? 15  ALA A O   1 
ATOM   55  C CB  . ALA A 1 9  ? 7.160   6.862   -3.884  1.00 50.17  ? 15  ALA A CB  1 
ATOM   56  N N   . LEU A 1 10 ? 4.196   5.945   -3.788  1.00 40.88  ? 16  LEU A N   1 
ATOM   57  C CA  . LEU A 1 10 ? 3.184   4.920   -3.509  1.00 42.85  ? 16  LEU A CA  1 
ATOM   58  C C   . LEU A 1 10 ? 2.193   4.799   -4.669  1.00 40.63  ? 16  LEU A C   1 
ATOM   59  O O   . LEU A 1 10 ? 1.846   3.706   -5.085  1.00 39.73  ? 16  LEU A O   1 
ATOM   60  C CB  . LEU A 1 10 ? 2.440   5.272   -2.227  1.00 42.90  ? 16  LEU A CB  1 
ATOM   61  C CG  . LEU A 1 10 ? 1.825   4.165   -1.379  1.00 76.61  ? 16  LEU A CG  1 
ATOM   62  C CD1 . LEU A 1 10 ? 2.685   2.910   -1.324  1.00 59.91  ? 16  LEU A CD1 1 
ATOM   63  C CD2 . LEU A 1 10 ? 1.613   4.732   0.018   1.00 87.25  ? 16  LEU A CD2 1 
ATOM   64  N N   . GLN A 1 11 ? 1.755   5.951   -5.178  1.00 36.03  ? 17  GLN A N   1 
ATOM   65  C CA  . GLN A 1 11 ? 0.841   6.038   -6.307  1.00 42.58  ? 17  GLN A CA  1 
ATOM   66  C C   . GLN A 1 11 ? 1.481   5.434   -7.570  1.00 42.73  ? 17  GLN A C   1 
ATOM   67  O O   . GLN A 1 11 ? 0.811   4.823   -8.382  1.00 38.02  ? 17  GLN A O   1 
ATOM   68  C CB  . GLN A 1 11 ? 0.430   7.499   -6.543  1.00 48.20  ? 17  GLN A CB  1 
ATOM   69  C CG  . GLN A 1 11 ? -1.030  7.685   -6.915  1.00 95.56  ? 17  GLN A CG  1 
ATOM   70  C CD  . GLN A 1 11 ? -1.951  7.540   -5.714  1.00 132.93 ? 17  GLN A CD  1 
ATOM   71  O OE1 . GLN A 1 11 ? -1.809  8.257   -4.721  1.00 91.88  ? 17  GLN A OE1 1 
ATOM   72  N NE2 . GLN A 1 11 ? -2.899  6.612   -5.798  1.00 65.78  ? 17  GLN A NE2 1 
ATOM   73  N N   . GLN A 1 12 ? 2.801   5.566   -7.708  1.00 43.82  ? 18  GLN A N   1 
ATOM   74  C CA  . GLN A 1 12 ? 3.512   4.990   -8.851  1.00 50.75  ? 18  GLN A CA  1 
ATOM   75  C C   . GLN A 1 12 ? 3.480   3.449   -8.818  1.00 35.34  ? 18  GLN A C   1 
ATOM   76  O O   . GLN A 1 12 ? 3.263   2.820   -9.845  1.00 33.87  ? 18  GLN A O   1 
ATOM   77  C CB  . GLN A 1 12 ? 4.963   5.486   -8.913  1.00 48.36  ? 18  GLN A CB  1 
ATOM   78  C CG  . GLN A 1 12 ? 5.731   5.063   -10.161 1.00 64.84  ? 18  GLN A CG  1 
ATOM   79  C CD  . GLN A 1 12 ? 5.230   5.731   -11.432 1.00 69.73  ? 18  GLN A CD  1 
ATOM   80  O OE1 . GLN A 1 12 ? 5.471   6.918   -11.655 1.00 101.08 ? 18  GLN A OE1 1 
ATOM   81  N NE2 . GLN A 1 12 ? 4.558   4.965   -12.284 1.00 66.95  ? 18  GLN A NE2 1 
ATOM   82  N N   . ILE A 1 13 ? 3.714   2.879   -7.630  1.00 28.42  ? 19  ILE A N   1 
ATOM   83  C CA  . ILE A 1 13 ? 3.726   1.449   -7.408  1.00 36.12  ? 19  ILE A CA  1 
ATOM   84  C C   . ILE A 1 13 ? 2.328   0.873   -7.566  1.00 35.46  ? 19  ILE A C   1 
ATOM   85  O O   . ILE A 1 13 ? 2.159   -0.168  -8.166  1.00 39.58  ? 19  ILE A O   1 
ATOM   86  C CB  . ILE A 1 13 ? 4.265   1.102   -6.007  1.00 34.24  ? 19  ILE A CB  1 
ATOM   87  C CG1 . ILE A 1 13 ? 5.738   1.520   -5.898  1.00 53.02  ? 19  ILE A CG1 1 
ATOM   88  C CG2 . ILE A 1 13 ? 4.089   -0.384  -5.726  1.00 51.47  ? 19  ILE A CG2 1 
ATOM   89  C CD1 . ILE A 1 13 ? 6.273   1.489   -4.483  1.00 50.43  ? 19  ILE A CD1 1 
ATOM   90  N N   . ILE A 1 14 ? 1.329   1.569   -7.014  1.00 32.84  ? 20  ILE A N   1 
ATOM   91  C CA  . ILE A 1 14 ? -0.085  1.177   -7.204  1.00 36.83  ? 20  ILE A CA  1 
ATOM   92  C C   . ILE A 1 14 ? -0.414  1.140   -8.693  1.00 33.99  ? 20  ILE A C   1 
ATOM   93  O O   . ILE A 1 14 ? -0.879  0.113   -9.211  1.00 38.73  ? 20  ILE A O   1 
ATOM   94  C CB  . ILE A 1 14 ? -1.057  2.126   -6.450  1.00 32.10  ? 20  ILE A CB  1 
ATOM   95  C CG1 . ILE A 1 14 ? -0.952  1.891   -4.951  1.00 38.55  ? 20  ILE A CG1 1 
ATOM   96  C CG2 . ILE A 1 14 ? -2.501  1.956   -6.919  1.00 43.64  ? 20  ILE A CG2 1 
ATOM   97  C CD1 . ILE A 1 14 ? -1.557  3.004   -4.119  1.00 47.94  ? 20  ILE A CD1 1 
ATOM   98  N N   . ASP A 1 15 ? -0.139  2.253   -9.381  1.00 33.29  ? 21  ASP A N   1 
ATOM   99  C CA  . ASP A 1 15 ? -0.394  2.405   -10.817 1.00 41.41  ? 21  ASP A CA  1 
ATOM   100 C C   . ASP A 1 15 ? 0.377   1.410   -11.707 1.00 39.41  ? 21  ASP A C   1 
ATOM   101 O O   . ASP A 1 15 ? -0.133  1.015   -12.750 1.00 41.07  ? 21  ASP A O   1 
ATOM   102 C CB  . ASP A 1 15 ? -0.094  3.849   -11.276 1.00 39.91  ? 21  ASP A CB  1 
ATOM   103 C CG  . ASP A 1 15 ? -1.087  4.883   -10.713 1.00 59.76  ? 21  ASP A CG  1 
ATOM   104 O OD1 . ASP A 1 15 ? -2.108  4.506   -10.103 1.00 53.59  ? 21  ASP A OD1 1 
ATOM   105 O OD2 . ASP A 1 15 ? -0.836  6.094   -10.874 1.00 64.32  ? 21  ASP A OD2 1 
ATOM   106 N N   . ASP A 1 16 ? 1.601   1.039   -11.299 1.00 36.45  ? 22  ASP A N   1 
ATOM   107 C CA  . ASP A 1 16 ? 2.433   0.063   -12.025 1.00 40.34  ? 22  ASP A CA  1 
ATOM   108 C C   . ASP A 1 16 ? 2.019   -1.389  -11.824 1.00 38.78  ? 22  ASP A C   1 
ATOM   109 O O   . ASP A 1 16 ? 2.478   -2.275  -12.570 1.00 41.30  ? 22  ASP A O   1 
ATOM   110 C CB  . ASP A 1 16 ? 3.913   0.151   -11.601 1.00 43.04  ? 22  ASP A CB  1 
ATOM   111 C CG  . ASP A 1 16 ? 4.636   1.354   -12.184 1.00 76.27  ? 22  ASP A CG  1 
ATOM   112 O OD1 . ASP A 1 16 ? 4.172   1.928   -13.189 1.00 65.07  ? 22  ASP A OD1 1 
ATOM   113 O OD2 . ASP A 1 16 ? 5.693   1.716   -11.628 1.00 55.67  ? 22  ASP A OD2 1 
ATOM   114 N N   . THR A 1 17 ? 1.199   -1.641  -10.799 1.00 33.69  ? 23  THR A N   1 
ATOM   115 C CA  . THR A 1 17 ? 0.879   -2.985  -10.355 1.00 31.16  ? 23  THR A CA  1 
ATOM   116 C C   . THR A 1 17 ? -0.514  -3.382  -10.827 1.00 35.68  ? 23  THR A C   1 
ATOM   117 O O   . THR A 1 17 ? -1.518  -2.843  -10.367 1.00 34.00  ? 23  THR A O   1 
ATOM   118 C CB  . THR A 1 17 ? 0.969   -3.148  -8.830  1.00 38.59  ? 23  THR A CB  1 
ATOM   119 O OG1 . THR A 1 17 ? 2.272   -2.756  -8.393  1.00 39.83  ? 23  THR A OG1 1 
ATOM   120 C CG2 . THR A 1 17 ? 0.749   -4.585  -8.443  1.00 41.09  ? 23  THR A CG2 1 
ATOM   121 N N   . PRO A 1 18 ? -0.620  -4.344  -11.761 1.00 36.92  ? 24  PRO A N   1 
ATOM   122 C CA  . PRO A 1 18 ? -1.924  -4.751  -12.269 1.00 31.82  ? 24  PRO A CA  1 
ATOM   123 C C   . PRO A 1 18 ? -2.722  -5.423  -11.149 1.00 28.10  ? 24  PRO A C   1 
ATOM   124 O O   . PRO A 1 18 ? -2.127  -6.116  -10.314 1.00 28.85  ? 24  PRO A O   1 
ATOM   125 C CB  . PRO A 1 18 ? -1.582  -5.703  -13.434 1.00 36.90  ? 24  PRO A CB  1 
ATOM   126 C CG  . PRO A 1 18 ? -0.215  -6.237  -13.091 1.00 49.26  ? 24  PRO A CG  1 
ATOM   127 C CD  . PRO A 1 18 ? 0.490   -5.107  -12.361 1.00 41.81  ? 24  PRO A CD  1 
ATOM   128 N N   . GLY A 1 19 ? -4.043  -5.193  -11.142 1.00 30.75  ? 25  GLY A N   1 
ATOM   129 C CA  . GLY A 1 19 ? -4.943  -5.886  -10.231 1.00 26.27  ? 25  GLY A CA  1 
ATOM   130 C C   . GLY A 1 19 ? -5.129  -5.179  -8.884  1.00 31.92  ? 25  GLY A C   1 
ATOM   131 O O   . GLY A 1 19 ? -5.798  -5.710  -8.026  1.00 28.91  ? 25  GLY A O   1 
ATOM   132 N N   . ILE A 1 20 ? -4.564  -3.975  -8.734  1.00 28.33  ? 26  ILE A N   1 
ATOM   133 C CA  . ILE A 1 20 ? -4.602  -3.215  -7.465  1.00 31.01  ? 26  ILE A CA  1 
ATOM   134 C C   . ILE A 1 20 ? -5.326  -1.867  -7.634  1.00 27.92  ? 26  ILE A C   1 
ATOM   135 O O   . ILE A 1 20 ? -5.118  -1.187  -8.635  1.00 30.36  ? 26  ILE A O   1 
ATOM   136 C CB  . ILE A 1 20 ? -3.157  -2.925  -7.000  1.00 33.79  ? 26  ILE A CB  1 
ATOM   137 C CG1 . ILE A 1 20 ? -2.356  -4.223  -6.923  1.00 44.78  ? 26  ILE A CG1 1 
ATOM   138 C CG2 . ILE A 1 20 ? -3.108  -2.184  -5.682  1.00 42.66  ? 26  ILE A CG2 1 
ATOM   139 C CD1 . ILE A 1 20 ? -2.929  -5.236  -5.966  1.00 33.48  ? 26  ILE A CD1 1 
ATOM   140 N N   . ARG A 1 21 ? -6.107  -1.468  -6.620  1.00 29.07  ? 27  ARG A N   1 
ATOM   141 C CA  . ARG A 1 21 ? -6.651  -0.089  -6.444  1.00 29.55  ? 27  ARG A CA  1 
ATOM   142 C C   . ARG A 1 21 ? -6.468  0.388   -4.995  1.00 25.29  ? 27  ARG A C   1 
ATOM   143 O O   . ARG A 1 21 ? -6.638  -0.432  -4.057  1.00 30.10  ? 27  ARG A O   1 
ATOM   144 C CB  . ARG A 1 21 ? -8.142  -0.024  -6.776  1.00 33.50  ? 27  ARG A CB  1 
ATOM   145 C CG  . ARG A 1 21 ? -8.467  -0.432  -8.203  1.00 34.59  ? 27  ARG A CG  1 
ATOM   146 C CD  . ARG A 1 21 ? -8.036  0.607   -9.224  1.00 32.14  ? 27  ARG A CD  1 
ATOM   147 N NE  . ARG A 1 21 ? -8.556  0.243   -10.538 1.00 35.77  ? 27  ARG A NE  1 
ATOM   148 C CZ  . ARG A 1 21 ? -8.024  -0.680  -11.326 1.00 37.87  ? 27  ARG A CZ  1 
ATOM   149 N NH1 . ARG A 1 21 ? -6.937  -1.328  -10.948 1.00 30.92  ? 27  ARG A NH1 1 
ATOM   150 N NH2 . ARG A 1 21 ? -8.591  -0.968  -12.484 1.00 35.89  ? 27  ARG A NH2 1 
ATOM   151 N N   . LEU A 1 22 ? -6.174  1.675   -4.820  1.00 30.40  ? 28  LEU A N   1 
ATOM   152 C CA  . LEU A 1 22 ? -6.257  2.321   -3.519  1.00 36.37  ? 28  LEU A CA  1 
ATOM   153 C C   . LEU A 1 22 ? -7.722  2.378   -3.144  1.00 33.70  ? 28  LEU A C   1 
ATOM   154 O O   . LEU A 1 22 ? -8.532  2.847   -3.940  1.00 37.93  ? 28  LEU A O   1 
ATOM   155 C CB  . LEU A 1 22 ? -5.743  3.745   -3.615  1.00 39.40  ? 28  LEU A CB  1 
ATOM   156 C CG  . LEU A 1 22 ? -5.664  4.583   -2.340  1.00 45.23  ? 28  LEU A CG  1 
ATOM   157 C CD1 . LEU A 1 22 ? -4.892  3.866   -1.245  1.00 44.25  ? 28  LEU A CD1 1 
ATOM   158 C CD2 . LEU A 1 22 ? -5.009  5.911   -2.682  1.00 48.38  ? 28  LEU A CD2 1 
ATOM   159 N N   . ARG A 1 23 ? -8.045  1.929   -1.929  1.00 33.90  ? 29  ARG A N   1 
ATOM   160 C CA  . ARG A 1 23 ? -9.415  1.963   -1.356  1.00 31.00  ? 29  ARG A CA  1 
ATOM   161 C C   . ARG A 1 23 ? -9.492  3.135   -0.379  1.00 34.29  ? 29  ARG A C   1 
ATOM   162 O O   . ARG A 1 23 ? -10.349 4.024   -0.578  1.00 36.78  ? 29  ARG A O   1 
ATOM   163 C CB  . ARG A 1 23 ? -9.760  0.639   -0.672  1.00 40.81  ? 29  ARG A CB  1 
ATOM   164 C CG  . ARG A 1 23 ? -11.193 0.573   -0.168  1.00 42.06  ? 29  ARG A CG  1 
ATOM   165 C CD  . ARG A 1 23 ? -11.630 -0.847  0.149   1.00 53.78  ? 29  ARG A CD  1 
ATOM   166 N NE  . ARG A 1 23 ? -12.825 -0.883  0.980   1.00 57.77  ? 29  ARG A NE  1 
ATOM   167 C CZ  . ARG A 1 23 ? -14.074 -0.693  0.552   1.00 84.61  ? 29  ARG A CZ  1 
ATOM   168 N NH1 . ARG A 1 23 ? -14.324 -0.442  -0.725  1.00 80.99  ? 29  ARG A NH1 1 
ATOM   169 N NH2 . ARG A 1 23 ? -15.075 -0.750  1.413   1.00 74.10  ? 29  ARG A NH2 1 
ATOM   170 N N   . THR A 1 24 ? -8.585  3.161   0.601   1.00 35.28  ? 30  THR A N   1 
ATOM   171 C CA  . THR A 1 24 ? -8.480  4.274   1.548   1.00 35.41  ? 30  THR A CA  1 
ATOM   172 C C   . THR A 1 24 ? -7.039  4.567   1.927   1.00 48.79  ? 30  THR A C   1 
ATOM   173 O O   . THR A 1 24 ? -6.134  3.744   1.767   1.00 36.38  ? 30  THR A O   1 
ATOM   174 C CB  . THR A 1 24 ? -9.260  4.006   2.855   1.00 36.51  ? 30  THR A CB  1 
ATOM   175 O OG1 . THR A 1 24 ? -8.644  2.944   3.590   1.00 42.25  ? 30  THR A OG1 1 
ATOM   176 C CG2 . THR A 1 24 ? -10.702 3.660   2.577   1.00 43.96  ? 30  THR A CG2 1 
ATOM   177 N N   . LEU A 1 25 ? -6.823  5.767   2.452   1.00 33.65  ? 31  LEU A N   1 
ATOM   178 C CA  . LEU A 1 25 ? -5.512  6.169   2.893   1.00 32.19  ? 31  LEU A CA  1 
ATOM   179 C C   . LEU A 1 25 ? -5.714  7.050   4.106   1.00 64.44  ? 31  LEU A C   1 
ATOM   180 O O   . LEU A 1 25 ? -6.597  7.890   4.096   1.00 37.56  ? 31  LEU A O   1 
ATOM   181 C CB  . LEU A 1 25 ? -4.858  6.927   1.757   1.00 42.27  ? 31  LEU A CB  1 
ATOM   182 C CG  . LEU A 1 25 ? -3.473  7.493   2.033   1.00 89.98  ? 31  LEU A CG  1 
ATOM   183 C CD1 . LEU A 1 25 ? -2.605  7.319   0.802   1.00 52.04  ? 31  LEU A CD1 1 
ATOM   184 C CD2 . LEU A 1 25 ? -3.558  8.953   2.450   1.00 60.36  ? 31  LEU A CD2 1 
ATOM   185 N N   . SER A 1 26 ? -4.920  6.847   5.162   1.00 32.40  ? 32  SER A N   1 
ATOM   186 C CA  . SER A 1 26 ? -4.963  7.751   6.329   1.00 31.12  ? 32  SER A CA  1 
ATOM   187 C C   . SER A 1 26 ? -3.556  8.131   6.752   1.00 48.72  ? 32  SER A C   1 
ATOM   188 O O   . SER A 1 26 ? -2.648  7.291   6.733   1.00 36.74  ? 32  SER A O   1 
ATOM   189 C CB  . SER A 1 26 ? -5.699  7.088   7.497   1.00 34.82  ? 32  SER A CB  1 
ATOM   190 O OG  . SER A 1 26 ? -4.910  6.065   8.058   1.00 63.40  ? 32  SER A OG  1 
ATOM   191 N N   . PHE A 1 27 ? -3.377  9.398   7.140   1.00 33.54  ? 33  PHE A N   1 
ATOM   192 C CA  . PHE A 1 27 ? -2.089  9.893   7.644   1.00 36.57  ? 33  PHE A CA  1 
ATOM   193 C C   . PHE A 1 27 ? -2.266  10.519  9.005   1.00 41.21  ? 33  PHE A C   1 
ATOM   194 O O   . PHE A 1 27 ? -3.162  11.349  9.220   1.00 32.79  ? 33  PHE A O   1 
ATOM   195 C CB  . PHE A 1 27 ? -1.459  10.888  6.668   1.00 35.79  ? 33  PHE A CB  1 
ATOM   196 C CG  . PHE A 1 27 ? -0.170  11.497  7.151   1.00 40.27  ? 33  PHE A CG  1 
ATOM   197 C CD1 . PHE A 1 27 ? 1.026   10.782  7.098   1.00 44.78  ? 33  PHE A CD1 1 
ATOM   198 C CD2 . PHE A 1 27 ? -0.141  12.783  7.649   1.00 35.02  ? 33  PHE A CD2 1 
ATOM   199 C CE1 . PHE A 1 27 ? 2.216   11.352  7.541   1.00 59.80  ? 33  PHE A CE1 1 
ATOM   200 C CE2 . PHE A 1 27 ? 1.042   13.356  8.099   1.00 54.61  ? 33  PHE A CE2 1 
ATOM   201 C CZ  . PHE A 1 27 ? 2.222   12.640  8.042   1.00 42.29  ? 33  PHE A CZ  1 
ATOM   202 N N   . ASP A 1 28 ? -1.403  10.100  9.937   1.00 33.04  ? 34  ASP A N   1 
ATOM   203 C CA  . ASP A 1 28 ? -1.325  10.679  11.268  1.00 36.79  ? 34  ASP A CA  1 
ATOM   204 C C   . ASP A 1 28 ? -0.001  11.426  11.406  1.00 47.51  ? 34  ASP A C   1 
ATOM   205 O O   . ASP A 1 28 ? 1.069   10.810  11.346  1.00 44.20  ? 34  ASP A O   1 
ATOM   206 C CB  . ASP A 1 28 ? -1.422  9.573   12.307  1.00 51.26  ? 34  ASP A CB  1 
ATOM   207 C CG  . ASP A 1 28 ? -1.399  10.106  13.713  1.00 46.18  ? 34  ASP A CG  1 
ATOM   208 O OD1 . ASP A 1 28 ? -0.292  10.303  14.254  1.00 53.42  ? 34  ASP A OD1 1 
ATOM   209 O OD2 . ASP A 1 28 ? -2.491  10.359  14.257  1.00 60.34  ? 34  ASP A OD2 1 
ATOM   210 N N   . ALA A 1 29 ? -0.068  12.753  11.587  1.00 42.37  ? 35  ALA A N   1 
ATOM   211 C CA  . ALA A 1 29 ? 1.136   13.590  11.631  1.00 42.60  ? 35  ALA A CA  1 
ATOM   212 C C   . ALA A 1 29 ? 2.066   13.217  12.807  1.00 43.85  ? 35  ALA A C   1 
ATOM   213 O O   . ALA A 1 29 ? 3.275   13.037  12.622  1.00 49.27  ? 35  ALA A O   1 
ATOM   214 C CB  . ALA A 1 29 ? 0.771   15.061  11.695  1.00 52.22  ? 35  ALA A CB  1 
ATOM   215 N N   . ALA A 1 30 ? 1.470   13.064  13.990  1.00 44.02  ? 36  ALA A N   1 
ATOM   216 C CA  . ALA A 1 30 ? 2.177   12.779  15.239  1.00 55.33  ? 36  ALA A CA  1 
ATOM   217 C C   . ALA A 1 30 ? 2.989   11.475  15.209  1.00 60.87  ? 36  ALA A C   1 
ATOM   218 O O   . ALA A 1 30 ? 4.078   11.416  15.759  1.00 51.28  ? 36  ALA A O   1 
ATOM   219 C CB  . ALA A 1 30 ? 1.195   12.768  16.402  1.00 50.09  ? 36  ALA A CB  1 
ATOM   220 N N   . ARG A 1 31 ? 2.449   10.441  14.556  1.00 46.91  ? 37  ARG A N   1 
ATOM   221 C CA  . ARG A 1 31 ? 3.116   9.119   14.386  1.00 44.06  ? 37  ARG A CA  1 
ATOM   222 C C   . ARG A 1 31 ? 3.908   9.110   13.074  1.00 54.35  ? 37  ARG A C   1 
ATOM   223 O O   . ARG A 1 31 ? 4.623   8.113   12.828  1.00 55.92  ? 37  ARG A O   1 
ATOM   224 C CB  . ARG A 1 31 ? 2.083   7.991   14.451  1.00 55.08  ? 37  ARG A CB  1 
ATOM   225 C CG  . ARG A 1 31 ? 1.439   7.818   15.821  1.00 49.02  ? 37  ARG A CG  1 
ATOM   226 C CD  . ARG A 1 31 ? 0.778   6.465   15.983  1.00 70.79  ? 37  ARG A CD  1 
ATOM   227 N NE  . ARG A 1 31 ? -0.455  6.349   15.213  1.00 85.67  ? 37  ARG A NE  1 
ATOM   228 C CZ  . ARG A 1 31 ? -1.633  6.862   15.569  1.00 118.51 ? 37  ARG A CZ  1 
ATOM   229 N NH1 . ARG A 1 31 ? -1.761  7.557   16.689  1.00 72.11  ? 37  ARG A NH1 1 
ATOM   230 N NH2 . ARG A 1 31 ? -2.686  6.685   14.792  1.00 103.42 ? 37  ARG A NH2 1 
ATOM   231 N N   . ASN A 1 32 ? 3.795   10.181  12.275  1.00 44.21  ? 38  ASN A N   1 
ATOM   232 C CA  . ASN A 1 32 ? 4.312   10.235  10.916  1.00 42.37  ? 38  ASN A CA  1 
ATOM   233 C C   . ASN A 1 32 ? 4.066   8.913   10.221  1.00 61.31  ? 38  ASN A C   1 
ATOM   234 O O   . ASN A 1 32 ? 4.980   8.317   9.636   1.00 58.90  ? 38  ASN A O   1 
ATOM   235 C CB  . ASN A 1 32 ? 5.809   10.574  10.890  1.00 55.04  ? 38  ASN A CB  1 
ATOM   236 C CG  . ASN A 1 32 ? 6.337   10.796  9.479   1.00 74.16  ? 38  ASN A CG  1 
ATOM   237 O OD1 . ASN A 1 32 ? 5.611   11.253  8.587   1.00 74.13  ? 38  ASN A OD1 1 
ATOM   238 N ND2 . ASN A 1 32 ? 7.609   10.474  9.269   1.00 67.32  ? 38  ASN A ND2 1 
ATOM   239 N N   . ALA A 1 33 ? 2.816   8.449   10.302  1.00 41.78  ? 39  ALA A N   1 
ATOM   240 C CA  . ALA A 1 33 ? 2.447   7.139   9.806   1.00 44.28  ? 39  ALA A CA  1 
ATOM   241 C C   . ALA A 1 33 ? 1.381   7.244   8.723   1.00 57.21  ? 39  ALA A C   1 
ATOM   242 O O   . ALA A 1 33 ? 0.395   7.956   8.857   1.00 38.48  ? 39  ALA A O   1 
ATOM   243 C CB  . ALA A 1 33 ? 1.971   6.260   10.938  1.00 44.00  ? 39  ALA A CB  1 
ATOM   244 N N   . LEU A 1 34 ? 1.603   6.514   7.634   1.00 39.00  ? 40  LEU A N   1 
ATOM   245 C CA  . LEU A 1 34 ? 0.689   6.463   6.527   1.00 43.43  ? 40  LEU A CA  1 
ATOM   246 C C   . LEU A 1 34 ? 0.074   5.071   6.487   1.00 51.68  ? 40  LEU A C   1 
ATOM   247 O O   . LEU A 1 34 ? 0.787   4.075   6.333   1.00 55.19  ? 40  LEU A O   1 
ATOM   248 C CB  . LEU A 1 34 ? 1.460   6.797   5.258   1.00 49.52  ? 40  LEU A CB  1 
ATOM   249 C CG  . LEU A 1 34 ? 0.719   7.022   3.954   1.00 65.78  ? 40  LEU A CG  1 
ATOM   250 C CD1 . LEU A 1 34 ? -0.399  8.040   4.125   1.00 53.89  ? 40  LEU A CD1 1 
ATOM   251 C CD2 . LEU A 1 34 ? 1.724   7.472   2.899   1.00 63.08  ? 40  LEU A CD2 1 
ATOM   252 N N   . GLN A 1 35 ? -1.248  5.002   6.675   1.00 32.19  ? 41  GLN A N   1 
ATOM   253 C CA  . GLN A 1 35 ? -1.990  3.752   6.586   1.00 31.96  ? 41  GLN A CA  1 
ATOM   254 C C   . GLN A 1 35 ? -2.707  3.650   5.238   1.00 49.76  ? 41  GLN A C   1 
ATOM   255 O O   . GLN A 1 35 ? -3.411  4.562   4.833   1.00 40.74  ? 41  GLN A O   1 
ATOM   256 C CB  . GLN A 1 35 ? -2.946  3.590   7.758   1.00 39.27  ? 41  GLN A CB  1 
ATOM   257 C CG  . GLN A 1 35 ? -3.966  2.484   7.550   1.00 72.19  ? 41  GLN A CG  1 
ATOM   258 C CD  . GLN A 1 35 ? -4.468  1.870   8.837   1.00 67.59  ? 41  GLN A CD  1 
ATOM   259 O OE1 . GLN A 1 35 ? -4.095  2.292   9.932   1.00 127.22 ? 41  GLN A OE1 1 
ATOM   260 N NE2 . GLN A 1 35 ? -5.314  0.853   8.709   1.00 88.20  ? 41  GLN A NE2 1 
ATOM   261 N N   . LEU A 1 36 ? -2.510  2.522   4.547   1.00 36.40  ? 42  LEU A N   1 
ATOM   262 C CA  . LEU A 1 36 ? -3.095  2.296   3.227   1.00 48.26  ? 42  LEU A CA  1 
ATOM   263 C C   . LEU A 1 36 ? -3.895  1.022   3.200   1.00 55.32  ? 42  LEU A C   1 
ATOM   264 O O   . LEU A 1 36 ? -3.428  0.005   3.701   1.00 53.16  ? 42  LEU A O   1 
ATOM   265 C CB  . LEU A 1 36 ? -1.982  2.191   2.196   1.00 48.41  ? 42  LEU A CB  1 
ATOM   266 C CG  . LEU A 1 36 ? -1.764  3.437   1.362   1.00 60.27  ? 42  LEU A CG  1 
ATOM   267 C CD1 . LEU A 1 36 ? -0.914  4.431   2.125   1.00 81.11  ? 42  LEU A CD1 1 
ATOM   268 C CD2 . LEU A 1 36 ? -1.131  3.037   0.037   1.00 115.81 ? 42  LEU A CD2 1 
ATOM   269 N N   . GLU A 1 37 ? -5.096  1.084   2.606   1.00 34.66  ? 43  GLU A N   1 
ATOM   270 C CA  . GLU A 1 37 ? -5.946  -0.071  2.398   1.00 38.10  ? 43  GLU A CA  1 
ATOM   271 C C   . GLU A 1 37 ? -6.099  -0.224  0.892   1.00 45.46  ? 43  GLU A C   1 
ATOM   272 O O   . GLU A 1 37 ? -6.520  0.701   0.220   1.00 34.85  ? 43  GLU A O   1 
ATOM   273 C CB  . GLU A 1 37 ? -7.308  0.059   3.055   1.00 42.44  ? 43  GLU A CB  1 
ATOM   274 C CG  . GLU A 1 37 ? -8.184  -1.182  2.930   1.00 64.99  ? 43  GLU A CG  1 
ATOM   275 C CD  . GLU A 1 37 ? -9.417  -1.127  3.817   1.00 136.77 ? 43  GLU A CD  1 
ATOM   276 O OE1 . GLU A 1 37 ? -9.256  -1.009  5.050   1.00 144.13 ? 43  GLU A OE1 1 
ATOM   277 O OE2 . GLU A 1 37 ? -10.549 -1.212  3.286   1.00 82.96  ? 43  GLU A OE2 1 
ATOM   278 N N   . ILE A 1 38 ? -5.728  -1.411  0.407   1.00 37.20  ? 44  ILE A N   1 
ATOM   279 C CA  . ILE A 1 38 ? -5.666  -1.795  -0.999  1.00 39.89  ? 44  ILE A CA  1 
ATOM   280 C C   . ILE A 1 38 ? -6.762  -2.794  -1.308  1.00 29.49  ? 44  ILE A C   1 
ATOM   281 O O   . ILE A 1 38 ? -6.964  -3.735  -0.537  1.00 38.86  ? 44  ILE A O   1 
ATOM   282 C CB  . ILE A 1 38 ? -4.314  -2.517  -1.251  1.00 52.41  ? 44  ILE A CB  1 
ATOM   283 C CG1 . ILE A 1 38 ? -3.148  -1.552  -1.048  1.00 64.43  ? 44  ILE A CG1 1 
ATOM   284 C CG2 . ILE A 1 38 ? -4.266  -3.154  -2.631  1.00 76.91  ? 44  ILE A CG2 1 
ATOM   285 C CD1 . ILE A 1 38 ? -3.266  -0.279  -1.848  1.00 37.30  ? 44  ILE A CD1 1 
ATOM   286 N N   . SER A 1 39 ? -7.449  -2.622  -2.452  1.00 30.94  ? 45  SER A N   1 
ATOM   287 C CA  . SER A 1 39 ? -8.316  -3.652  -3.024  1.00 31.87  ? 45  SER A CA  1 
ATOM   288 C C   . SER A 1 39 ? -7.507  -4.389  -4.101  1.00 32.72  ? 45  SER A C   1 
ATOM   289 O O   . SER A 1 39 ? -6.767  -3.759  -4.849  1.00 34.61  ? 45  SER A O   1 
ATOM   290 C CB  . SER A 1 39 ? -9.575  -3.038  -3.652  1.00 41.30  ? 45  SER A CB  1 
ATOM   291 O OG  . SER A 1 39 ? -10.357 -2.368  -2.679  1.00 51.26  ? 45  SER A OG  1 
ATOM   292 N N   . ALA A 1 40 ? -7.641  -5.716  -4.161  1.00 38.62  ? 46  ALA A N   1 
ATOM   293 C CA  . ALA A 1 40 ? -6.891  -6.539  -5.117  1.00 34.49  ? 46  ALA A CA  1 
ATOM   294 C C   . ALA A 1 40 ? -7.793  -7.575  -5.763  1.00 35.47  ? 46  ALA A C   1 
ATOM   295 O O   . ALA A 1 40 ? -8.749  -8.031  -5.149  1.00 42.44  ? 46  ALA A O   1 
ATOM   296 C CB  . ALA A 1 40 ? -5.722  -7.223  -4.424  1.00 39.62  ? 46  ALA A CB  1 
ATOM   297 N N   . VAL A 1 41 ? -7.478  -7.954  -7.011  1.00 36.62  ? 47  VAL A N   1 
ATOM   298 C CA  . VAL A 1 41 ? -8.247  -8.983  -7.727  1.00 43.65  ? 47  VAL A CA  1 
ATOM   299 C C   . VAL A 1 41 ? -8.047  -10.369 -7.163  1.00 38.89  ? 47  VAL A C   1 
ATOM   300 O O   . VAL A 1 41 ? -8.900  -11.235 -7.327  1.00 43.70  ? 47  VAL A O   1 
ATOM   301 C CB  . VAL A 1 41 ? -7.915  -9.070  -9.237  1.00 61.74  ? 47  VAL A CB  1 
ATOM   302 C CG1 . VAL A 1 41 ? -8.369  -7.822  -9.927  1.00 38.14  ? 47  VAL A CG1 1 
ATOM   303 C CG2 . VAL A 1 41 ? -6.430  -9.319  -9.497  1.00 43.64  ? 47  VAL A CG2 1 
ATOM   304 N N   . SER A 1 42 ? -6.889  -10.583 -6.529  1.00 36.56  ? 48  SER A N   1 
ATOM   305 C CA  . SER A 1 42 ? -6.439  -11.905 -6.103  1.00 43.21  ? 48  SER A CA  1 
ATOM   306 C C   . SER A 1 42 ? -5.307  -11.741 -5.094  1.00 71.63  ? 48  SER A C   1 
ATOM   307 O O   . SER A 1 42 ? -4.739  -10.660 -4.975  1.00 36.17  ? 48  SER A O   1 
ATOM   308 C CB  . SER A 1 42 ? -5.915  -12.691 -7.307  1.00 50.87  ? 48  SER A CB  1 
ATOM   309 O OG  . SER A 1 42 ? -4.726  -12.097 -7.834  1.00 48.75  ? 48  SER A OG  1 
ATOM   310 N N   . SER A 1 43 ? -5.000  -12.824 -4.368  1.00 45.97  ? 49  SER A N   1 
ATOM   311 C CA  . SER A 1 43 ? -3.835  -12.907 -3.478  1.00 43.86  ? 49  SER A CA  1 
ATOM   312 C C   . SER A 1 43 ? -2.506  -12.707 -4.206  1.00 44.36  ? 49  SER A C   1 
ATOM   313 O O   . SER A 1 43 ? -1.586  -12.129 -3.647  1.00 54.98  ? 49  SER A O   1 
ATOM   314 C CB  . SER A 1 43 ? -3.802  -14.262 -2.767  1.00 67.26  ? 49  SER A CB  1 
ATOM   315 O OG  . SER A 1 43 ? -4.978  -14.453 -2.012  1.00 51.04  ? 49  SER A OG  1 
ATOM   316 N N   . GLN A 1 44 ? -2.422  -13.183 -5.452  1.00 41.96  ? 50  GLN A N   1 
ATOM   317 C CA  . GLN A 1 44 ? -1.222  -13.020 -6.295  1.00 56.47  ? 50  GLN A CA  1 
ATOM   318 C C   . GLN A 1 44 ? -0.918  -11.547 -6.592  1.00 53.80  ? 50  GLN A C   1 
ATOM   319 O O   . GLN A 1 44 ? 0.234   -11.121 -6.528  1.00 51.57  ? 50  GLN A O   1 
ATOM   320 C CB  . GLN A 1 44 ? -1.369  -13.780 -7.616  1.00 60.09  ? 50  GLN A CB  1 
ATOM   321 C CG  . GLN A 1 44 ? -1.343  -15.297 -7.476  1.00 90.82  ? 50  GLN A CG  1 
ATOM   322 C CD  . GLN A 1 44 ? -2.707  -15.898 -7.151  1.00 219.09 ? 50  GLN A CD  1 
ATOM   323 O OE1 . GLN A 1 44 ? -3.420  -15.418 -6.264  1.00 70.96  ? 50  GLN A OE1 1 
ATOM   324 N NE2 . GLN A 1 44 ? -3.074  -16.957 -7.867  1.00 110.15 ? 50  GLN A NE2 1 
ATOM   325 N N   . ALA A 1 45 ? -1.963  -10.783 -6.928  1.00 40.89  ? 51  ALA A N   1 
ATOM   326 C CA  . ALA A 1 45 ? -1.829  -9.349  -7.185  1.00 36.95  ? 51  ALA A CA  1 
ATOM   327 C C   . ALA A 1 45 ? -1.393  -8.605  -5.917  1.00 33.70  ? 51  ALA A C   1 
ATOM   328 O O   . ALA A 1 45 ? -0.523  -7.735  -5.970  1.00 43.08  ? 51  ALA A O   1 
ATOM   329 C CB  . ALA A 1 45 ? -3.122  -8.775  -7.735  1.00 41.09  ? 51  ALA A CB  1 
ATOM   330 N N   . LEU A 1 46 ? -2.003  -8.944  -4.781  1.00 32.54  ? 52  LEU A N   1 
ATOM   331 C CA  . LEU A 1 46 ? -1.647  -8.320  -3.524  1.00 40.32  ? 52  LEU A CA  1 
ATOM   332 C C   . LEU A 1 46 ? -0.181  -8.590  -3.112  1.00 64.30  ? 52  LEU A C   1 
ATOM   333 O O   . LEU A 1 46 ? 0.436   -7.738  -2.499  1.00 43.53  ? 52  LEU A O   1 
ATOM   334 C CB  . LEU A 1 46 ? -2.626  -8.715  -2.435  1.00 38.36  ? 52  LEU A CB  1 
ATOM   335 C CG  . LEU A 1 46 ? -2.357  -8.150  -1.038  1.00 61.56  ? 52  LEU A CG  1 
ATOM   336 C CD1 . LEU A 1 46 ? -2.230  -6.633  -1.037  1.00 86.75  ? 52  LEU A CD1 1 
ATOM   337 C CD2 . LEU A 1 46 ? -3.475  -8.579  -0.107  1.00 84.44  ? 52  LEU A CD2 1 
ATOM   338 N N   . GLU A 1 47 ? 0.364   -9.757  -3.482  1.00 49.05  ? 53  GLU A N   1 
ATOM   339 C CA  . GLU A 1 47 ? 1.761   -10.118 -3.210  1.00 59.78  ? 53  GLU A CA  1 
ATOM   340 C C   . GLU A 1 47 ? 2.715   -9.409  -4.160  1.00 41.64  ? 53  GLU A C   1 
ATOM   341 O O   . GLU A 1 47 ? 3.813   -9.055  -3.777  1.00 47.39  ? 53  GLU A O   1 
ATOM   342 C CB  . GLU A 1 47 ? 1.987   -11.632 -3.324  1.00 69.28  ? 53  GLU A CB  1 
ATOM   343 C CG  . GLU A 1 47 ? 1.115   -12.500 -2.428  1.00 113.11 ? 53  GLU A CG  1 
ATOM   344 C CD  . GLU A 1 47 ? 0.881   -11.908 -1.053  1.00 119.35 ? 53  GLU A CD  1 
ATOM   345 O OE1 . GLU A 1 47 ? 1.864   -11.724 -0.305  1.00 189.79 ? 53  GLU A OE1 1 
ATOM   346 O OE2 . GLU A 1 47 ? -0.288  -11.633 -0.722  1.00 104.18 ? 53  GLU A OE2 1 
ATOM   347 N N   . GLN A 1 48 ? 2.273   -9.229  -5.408  1.00 36.92  ? 54  GLN A N   1 
ATOM   348 C CA  . GLN A 1 48 ? 2.957   -8.447  -6.414  1.00 51.55  ? 54  GLN A CA  1 
ATOM   349 C C   . GLN A 1 48 ? 3.157   -7.074  -5.760  1.00 64.79  ? 54  GLN A C   1 
ATOM   350 O O   . GLN A 1 48 ? 4.283   -6.605  -5.618  1.00 40.55  ? 54  GLN A O   1 
ATOM   351 C CB  . GLN A 1 48 ? 2.079   -8.394  -7.681  1.00 73.94  ? 54  GLN A CB  1 
ATOM   352 C CG  . GLN A 1 48 ? 2.727   -7.974  -8.993  1.00 60.39  ? 54  GLN A CG  1 
ATOM   353 C CD  . GLN A 1 48 ? 1.758   -8.051  -10.190 1.00 131.08 ? 54  GLN A CD  1 
ATOM   354 O OE1 . GLN A 1 48 ? 2.205   -8.147  -11.334 1.00 66.93  ? 54  GLN A OE1 1 
ATOM   355 N NE2 . GLN A 1 48 ? 0.429   -8.006  -9.932  1.00 47.44  ? 54  GLN A NE2 1 
ATOM   356 N N   . PHE A 1 49 ? 2.058   -6.472  -5.286  1.00 42.17  ? 55  PHE A N   1 
ATOM   357 C CA  . PHE A 1 49 ? 2.099   -5.142  -4.683  1.00 36.09  ? 55  PHE A CA  1 
ATOM   358 C C   . PHE A 1 49 ? 2.921   -5.063  -3.373  1.00 41.39  ? 55  PHE A C   1 
ATOM   359 O O   . PHE A 1 49 ? 3.701   -4.122  -3.169  1.00 35.98  ? 55  PHE A O   1 
ATOM   360 C CB  . PHE A 1 49 ? 0.680   -4.628  -4.418  1.00 42.65  ? 55  PHE A CB  1 
ATOM   361 C CG  . PHE A 1 49 ? 0.652   -3.353  -3.640  1.00 36.24  ? 55  PHE A CG  1 
ATOM   362 C CD1 . PHE A 1 49 ? 0.937   -2.143  -4.261  1.00 36.55  ? 55  PHE A CD1 1 
ATOM   363 C CD2 . PHE A 1 49 ? 0.378   -3.357  -2.279  1.00 39.80  ? 55  PHE A CD2 1 
ATOM   364 C CE1 . PHE A 1 49 ? 0.948   -0.977  -3.528  1.00 33.52  ? 55  PHE A CE1 1 
ATOM   365 C CE2 . PHE A 1 49 ? 0.383   -2.186  -1.553  1.00 57.45  ? 55  PHE A CE2 1 
ATOM   366 C CZ  . PHE A 1 49 ? 0.666   -0.997  -2.182  1.00 39.30  ? 55  PHE A CZ  1 
ATOM   367 N N   . SER A 1 50 ? 2.732   -6.038  -2.482  1.00 42.78  ? 56  SER A N   1 
ATOM   368 C CA  . SER A 1 50 ? 3.388   -6.016  -1.182  1.00 50.67  ? 56  SER A CA  1 
ATOM   369 C C   . SER A 1 50 ? 4.909   -5.928  -1.308  1.00 45.09  ? 56  SER A C   1 
ATOM   370 O O   . SER A 1 50 ? 5.552   -5.161  -0.584  1.00 54.75  ? 56  SER A O   1 
ATOM   371 C CB  . SER A 1 50 ? 3.004   -7.246  -0.365  1.00 73.50  ? 56  SER A CB  1 
ATOM   372 O OG  . SER A 1 50 ? 1.597   -7.386  -0.314  1.00 97.44  ? 56  SER A OG  1 
ATOM   373 N N   . GLN A 1 51 ? 5.465   -6.717  -2.233  1.00 48.71  ? 57  GLN A N   1 
ATOM   374 C CA  . GLN A 1 51 ? 6.913   -6.802  -2.457  1.00 67.42  ? 57  GLN A CA  1 
ATOM   375 C C   . GLN A 1 51 ? 7.488   -5.592  -3.190  1.00 44.05  ? 57  GLN A C   1 
ATOM   376 O O   . GLN A 1 51 ? 8.646   -5.231  -2.997  1.00 43.85  ? 57  GLN A O   1 
ATOM   377 C CB  . GLN A 1 51 ? 7.276   -8.081  -3.219  1.00 65.42  ? 57  GLN A CB  1 
ATOM   378 C CG  . GLN A 1 51 ? 8.743   -8.504  -3.092  1.00 125.99 ? 57  GLN A CG  1 
ATOM   379 C CD  . GLN A 1 51 ? 9.144   -8.976  -1.692  1.00 137.23 ? 57  GLN A CD  1 
ATOM   380 O OE1 . GLN A 1 51 ? 8.347   -8.955  -0.747  1.00 70.11  ? 57  GLN A OE1 1 
ATOM   381 N NE2 . GLN A 1 51 ? 10.396  -9.408  -1.558  1.00 83.72  ? 57  GLN A NE2 1 
ATOM   382 N N   . ARG A 1 52 ? 6.687   -4.971  -4.057  1.00 38.65  ? 58  ARG A N   1 
ATOM   383 C CA  . ARG A 1 52 ? 7.052   -3.672  -4.685  1.00 48.66  ? 58  ARG A CA  1 
ATOM   384 C C   . ARG A 1 52 ? 7.120   -2.603  -3.583  1.00 46.58  ? 58  ARG A C   1 
ATOM   385 O O   . ARG A 1 52 ? 8.133   -1.877  -3.536  1.00 48.32  ? 58  ARG A O   1 
ATOM   386 C CB  . ARG A 1 52 ? 6.081   -3.299  -5.812  1.00 36.92  ? 58  ARG A CB  1 
ATOM   387 C CG  . ARG A 1 52 ? 6.373   -3.997  -7.133  1.00 54.35  ? 58  ARG A CG  1 
ATOM   388 C CD  . ARG A 1 52 ? 6.068   -3.138  -8.349  1.00 51.92  ? 58  ARG A CD  1 
ATOM   389 N NE  . ARG A 1 52 ? 5.013   -3.689  -9.186  1.00 80.91  ? 58  ARG A NE  1 
ATOM   390 C CZ  . ARG A 1 52 ? 5.174   -4.662  -10.081 1.00 63.28  ? 58  ARG A CZ  1 
ATOM   391 N NH1 . ARG A 1 52 ? 6.358   -5.221  -10.271 1.00 84.09  ? 58  ARG A NH1 1 
ATOM   392 N NH2 . ARG A 1 52 ? 4.142   -5.075  -10.795 1.00 138.31 ? 58  ARG A NH2 1 
ATOM   393 N N   . ALA A 1 53 ? 6.108   -2.536  -2.710  1.00 41.18  ? 59  ALA A N   1 
ATOM   394 C CA  . ALA A 1 53 ? 6.056   -1.552  -1.622  1.00 41.28  ? 59  ALA A CA  1 
ATOM   395 C C   . ALA A 1 53 ? 7.220   -1.726  -0.639  1.00 43.48  ? 59  ALA A C   1 
ATOM   396 O O   . ALA A 1 53 ? 7.772   -0.751  -0.144  1.00 44.98  ? 59  ALA A O   1 
ATOM   397 C CB  . ALA A 1 53 ? 4.760   -1.684  -0.859  1.00 41.83  ? 59  ALA A CB  1 
ATOM   398 N N   . ARG A 1 54 ? 7.501   -2.993  -0.326  1.00 41.11  ? 60  ARG A N   1 
ATOM   399 C CA  . ARG A 1 54 ? 8.610   -3.483  0.541   1.00 58.97  ? 60  ARG A CA  1 
ATOM   400 C C   . ARG A 1 54 ? 9.954   -3.101  -0.098  1.00 59.43  ? 60  ARG A C   1 
ATOM   401 O O   . ARG A 1 54 ? 10.890  -2.752  0.645   1.00 48.73  ? 60  ARG A O   1 
ATOM   402 C CB  . ARG A 1 54 ? 8.433   -4.996  0.725   1.00 54.55  ? 60  ARG A CB  1 
ATOM   403 C CG  . ARG A 1 54 ? 9.612   -5.747  1.327   1.00 69.29  ? 60  ARG A CG  1 
ATOM   404 C CD  . ARG A 1 54 ? 9.551   -5.943  2.833   1.00 96.95  ? 60  ARG A CD  1 
ATOM   405 N NE  . ARG A 1 54 ? 10.184  -7.194  3.249   1.00 87.10  ? 60  ARG A NE  1 
ATOM   406 C CZ  . ARG A 1 54 ? 10.594  -7.480  4.486   1.00 106.25 ? 60  ARG A CZ  1 
ATOM   407 N NH1 . ARG A 1 54 ? 10.462  -6.601  5.466   1.00 94.11  ? 60  ARG A NH1 1 
ATOM   408 N NH2 . ARG A 1 54 ? 11.146  -8.655  4.735   1.00 65.21  ? 60  ARG A NH2 1 
ATOM   409 N N   . ALA A 1 55 ? 10.048  -3.153  -1.428  1.00 48.56  ? 61  ALA A N   1 
ATOM   410 C CA  . ALA A 1 55 ? 11.280  -2.793  -2.114  1.00 60.78  ? 61  ALA A CA  1 
ATOM   411 C C   . ALA A 1 55 ? 11.595  -1.309  -1.956  1.00 42.90  ? 61  ALA A C   1 
ATOM   412 O O   . ALA A 1 55 ? 12.757  -0.951  -1.794  1.00 56.72  ? 61  ALA A O   1 
ATOM   413 C CB  . ALA A 1 55 ? 11.239  -3.184  -3.583  1.00 52.21  ? 61  ALA A CB  1 
ATOM   414 N N   . ARG A 1 56 ? 10.567  -0.457  -1.959  1.00 64.32  ? 62  ARG A N   1 
ATOM   415 C CA  . ARG A 1 56 ? 10.719  1.023   -1.888  1.00 70.43  ? 62  ARG A CA  1 
ATOM   416 C C   . ARG A 1 56 ? 10.716  1.473   -0.423  1.00 92.17  ? 62  ARG A C   1 
ATOM   417 O O   . ARG A 1 56 ? 11.570  2.305   -0.071  1.00 61.20  ? 62  ARG A O   1 
ATOM   418 C CB  . ARG A 1 56 ? 9.611   1.717   -2.684  1.00 53.17  ? 62  ARG A CB  1 
ATOM   419 C CG  . ARG A 1 56 ? 9.761   3.228   -2.794  1.00 69.40  ? 62  ARG A CG  1 
ATOM   420 C CD  . ARG A 1 56 ? 10.600  3.656   -3.987  1.00 114.87 ? 62  ARG A CD  1 
ATOM   421 N NE  . ARG A 1 56 ? 10.817  5.101   -4.018  1.00 112.16 ? 62  ARG A NE  1 
ATOM   422 C CZ  . ARG A 1 56 ? 10.312  5.951   -4.916  1.00 125.28 ? 62  ARG A CZ  1 
ATOM   423 N NH1 . ARG A 1 56 ? 9.545   5.525   -5.907  1.00 103.86 ? 62  ARG A NH1 1 
ATOM   424 N NH2 . ARG A 1 56 ? 10.586  7.243   -4.824  1.00 82.62  ? 62  ARG A NH2 1 
ATOM   425 N N   . PHE A 1 57 ? 9.793   0.940   0.387   1.00 54.02  ? 63  PHE A N   1 
ATOM   426 C CA  . PHE A 1 57 ? 9.580   1.390   1.751   1.00 67.45  ? 63  PHE A CA  1 
ATOM   427 C C   . PHE A 1 57 ? 9.999   0.318   2.765   1.00 72.84  ? 63  PHE A C   1 
ATOM   428 O O   . PHE A 1 57 ? 10.546  -0.728  2.404   1.00 76.55  ? 63  PHE A O   1 
ATOM   429 C CB  . PHE A 1 57 ? 8.108   1.747   1.968   1.00 69.10  ? 63  PHE A CB  1 
ATOM   430 C CG  . PHE A 1 57 ? 7.568   2.795   1.029   1.00 78.75  ? 63  PHE A CG  1 
ATOM   431 C CD1 . PHE A 1 57 ? 7.063   2.445   -0.212  1.00 50.68  ? 63  PHE A CD1 1 
ATOM   432 C CD2 . PHE A 1 57 ? 7.511   4.126   1.412   1.00 103.05 ? 63  PHE A CD2 1 
ATOM   433 C CE1 . PHE A 1 57 ? 6.543   3.400   -1.063  1.00 50.75  ? 63  PHE A CE1 1 
ATOM   434 C CE2 . PHE A 1 57 ? 6.988   5.086   0.560   1.00 77.95  ? 63  PHE A CE2 1 
ATOM   435 C CZ  . PHE A 1 57 ? 6.507   4.723   -0.681  1.00 67.76  ? 63  PHE A CZ  1 
ATOM   436 N N   . ARG A 1 58 ? 9.750   0.616   4.043   1.00 67.55  ? 64  ARG A N   1 
ATOM   437 C CA  . ARG A 1 58 ? 10.008  -0.260  5.216   1.00 169.49 ? 64  ARG A CA  1 
ATOM   438 C C   . ARG A 1 58 ? 8.734   -1.063  5.514   1.00 167.56 ? 64  ARG A C   1 
ATOM   439 O O   . ARG A 1 58 ? 7.771   -0.434  5.985   1.00 55.59  ? 64  ARG A O   1 
ATOM   440 C CB  . ARG A 1 58 ? 10.437  0.628   6.393   1.00 158.28 ? 64  ARG A CB  1 
ATOM   441 C CG  . ARG A 1 58 ? 10.752  -0.108  7.689   1.00 125.10 ? 64  ARG A CG  1 
ATOM   442 C CD  . ARG A 1 58 ? 11.708  0.655   8.596   1.00 95.47  ? 64  ARG A CD  1 
ATOM   443 N NE  . ARG A 1 58 ? 11.206  1.956   9.041   1.00 85.02  ? 64  ARG A NE  1 
ATOM   444 C CZ  . ARG A 1 58 ? 11.762  3.146   8.783   1.00 145.66 ? 64  ARG A CZ  1 
ATOM   445 N NH1 . ARG A 1 58 ? 12.873  3.247   8.066   1.00 70.45  ? 64  ARG A NH1 1 
ATOM   446 N NH2 . ARG A 1 58 ? 11.198  4.244   9.257   1.00 70.35  ? 64  ARG A NH2 1 
ATOM   447 N N   . VAL A 1 59 ? 8.714   -2.370  5.192   1.00 102.31 ? 65  VAL A N   1 
ATOM   448 C CA  . VAL A 1 59 ? 7.684   -3.345  5.651   1.00 181.80 ? 65  VAL A CA  1 
ATOM   449 C C   . VAL A 1 59 ? 6.920   -4.107  4.538   1.00 212.46 ? 65  VAL A C   1 
ATOM   450 O O   . VAL A 1 59 ? 6.815   -3.645  3.401   1.00 51.25  ? 65  VAL A O   1 
ATOM   451 C CB  . VAL A 1 59 ? 6.644   -2.700  6.619   1.00 105.31 ? 65  VAL A CB  1 
ATOM   452 C CG1 . VAL A 1 59 ? 5.641   -1.852  5.852   1.00 42.29  ? 65  VAL A CG1 1 
ATOM   453 C CG2 . VAL A 1 59 ? 5.929   -3.745  7.474   1.00 86.33  ? 65  VAL A CG2 1 
ATOM   454 N N   . GLN A 1 60 ? 6.411   -5.297  4.889   1.00 178.55 ? 66  GLN A N   1 
ATOM   455 C CA  . GLN A 1 60 ? 5.414   -6.032  4.104   1.00 177.76 ? 66  GLN A CA  1 
ATOM   456 C C   . GLN A 1 60 ? 3.996   -5.521  4.427   1.00 52.62  ? 66  GLN A C   1 
ATOM   457 O O   . GLN A 1 60 ? 3.765   -4.917  5.488   1.00 59.49  ? 66  GLN A O   1 
ATOM   458 C CB  . GLN A 1 60 ? 5.503   -7.536  4.405   1.00 80.43  ? 66  GLN A CB  1 
ATOM   459 C CG  . GLN A 1 60 ? 5.036   -8.457  3.276   1.00 85.04  ? 66  GLN A CG  1 
ATOM   460 C CD  . GLN A 1 60 ? 6.165   -8.890  2.354   1.00 94.61  ? 66  GLN A CD  1 
ATOM   461 O OE1 . GLN A 1 60 ? 7.234   -9.290  2.817   1.00 130.27 ? 66  GLN A OE1 1 
ATOM   462 N NE2 . GLN A 1 60 ? 5.933   -8.828  1.043   1.00 65.68  ? 66  GLN A NE2 1 
ATOM   463 N N   . THR A 1 61 ? 3.060   -5.773  3.504   1.00 68.19  ? 67  THR A N   1 
ATOM   464 C CA  . THR A 1 61 ? 1.645   -5.423  3.664   1.00 206.72 ? 67  THR A CA  1 
ATOM   465 C C   . THR A 1 61 ? 0.912   -6.682  4.121   1.00 64.28  ? 67  THR A C   1 
ATOM   466 O O   . THR A 1 61 ? 1.121   -7.759  3.558   1.00 82.16  ? 67  THR A O   1 
ATOM   467 C CB  . THR A 1 61 ? 1.012   -4.873  2.360   1.00 95.81  ? 67  THR A CB  1 
ATOM   468 O OG1 . THR A 1 61 ? 0.378   -5.926  1.621   1.00 93.55  ? 67  THR A OG1 1 
ATOM   469 C CG2 . THR A 1 61 ? 2.056   -4.205  1.490   1.00 46.52  ? 67  THR A CG2 1 
ATOM   470 N N   . GLY A 1 62 ? 0.068   -6.539  5.151   1.00 50.23  ? 68  GLY A N   1 
ATOM   471 C CA  . GLY A 1 62 ? -0.550  -7.668  5.823   1.00 58.66  ? 68  GLY A CA  1 
ATOM   472 C C   . GLY A 1 62 ? -2.057  -7.795  5.695   1.00 77.96  ? 68  GLY A C   1 
ATOM   473 O O   . GLY A 1 62 ? -2.629  -7.560  4.627   1.00 87.17  ? 68  GLY A O   1 
ATOM   474 N N   . GLU A 1 63 ? -2.676  -8.179  6.818   1.00 138.19 ? 69  GLU A N   1 
ATOM   475 C CA  . GLU A 1 63 ? -4.094  -8.522  6.975   1.00 137.87 ? 69  GLU A CA  1 
ATOM   476 C C   . GLU A 1 63 ? -4.749  -9.383  5.872   1.00 74.94  ? 69  GLU A C   1 
ATOM   477 O O   . GLU A 1 63 ? -4.658  -10.607 5.927   1.00 293.83 ? 69  GLU A O   1 
ATOM   478 C CB  . GLU A 1 63 ? -4.948  -7.288  7.320   1.00 127.03 ? 69  GLU A CB  1 
ATOM   479 C CG  . GLU A 1 63 ? -6.176  -7.655  8.149   1.00 146.05 ? 69  GLU A CG  1 
ATOM   480 C CD  . GLU A 1 63 ? -7.301  -6.646  8.055   1.00 89.94  ? 69  GLU A CD  1 
ATOM   481 O OE1 . GLU A 1 63 ? -7.183  -5.570  8.672   1.00 132.60 ? 69  GLU A OE1 1 
ATOM   482 O OE2 . GLU A 1 63 ? -8.311  -6.942  7.378   1.00 117.32 ? 69  GLU A OE2 1 
ATOM   483 N N   . MET A 1 64 ? -5.395  -8.734  4.892   1.00 83.68  ? 70  MET A N   1 
ATOM   484 C CA  . MET A 1 64 ? -6.412  -9.348  4.024   1.00 149.79 ? 70  MET A CA  1 
ATOM   485 C C   . MET A 1 64 ? -7.697  -9.621  4.821   1.00 113.03 ? 70  MET A C   1 
ATOM   486 O O   . MET A 1 64 ? -7.640  -9.940  6.010   1.00 222.38 ? 70  MET A O   1 
ATOM   487 C CB  . MET A 1 64 ? -5.896  -10.627 3.336   1.00 162.70 ? 70  MET A CB  1 
ATOM   488 C CG  . MET A 1 64 ? -4.490  -10.523 2.745   1.00 56.26  ? 70  MET A CG  1 
ATOM   489 S SD  . MET A 1 64 ? -4.089  -11.863 1.602   1.00 139.08 ? 70  MET A SD  1 
ATOM   490 C CE  . MET A 1 64 ? -2.318  -11.661 1.456   1.00 112.36 ? 70  MET A CE  1 
ATOM   491 N N   . LYS A 1 65 ? -8.852  -9.481  4.157   1.00 68.19  ? 71  LYS A N   1 
ATOM   492 C CA  . LYS A 1 65 ? -10.165 -9.613  4.795   1.00 86.83  ? 71  LYS A CA  1 
ATOM   493 C C   . LYS A 1 65 ? -10.855 -10.887 4.323   1.00 92.31  ? 71  LYS A C   1 
ATOM   494 O O   . LYS A 1 65 ? -11.235 -11.003 3.156   1.00 126.63 ? 71  LYS A O   1 
ATOM   495 C CB  . LYS A 1 65 ? -11.053 -8.396  4.486   1.00 72.88  ? 71  LYS A CB  1 
ATOM   496 C CG  . LYS A 1 65 ? -11.565 -7.649  5.715   1.00 56.18  ? 71  LYS A CG  1 
ATOM   497 C CD  . LYS A 1 65 ? -12.960 -7.061  5.527   1.00 112.26 ? 71  LYS A CD  1 
ATOM   498 C CE  . LYS A 1 65 ? -13.065 -6.175  4.294   1.00 72.20  ? 71  LYS A CE  1 
ATOM   499 N NZ  . LYS A 1 65 ? -13.327 -6.920  3.027   1.00 84.06  ? 71  LYS A NZ  1 
ATOM   500 N N   . ASP A 1 69 ? -14.467 -13.060 -3.788  1.00 82.53  ? 75  ASP A N   1 
ATOM   501 C CA  . ASP A 1 69 ? -14.867 -11.776 -4.357  1.00 130.59 ? 75  ASP A CA  1 
ATOM   502 C C   . ASP A 1 69 ? -14.650 -10.664 -3.328  1.00 92.63  ? 75  ASP A C   1 
ATOM   503 O O   . ASP A 1 69 ? -15.609 -10.141 -2.762  1.00 68.67  ? 75  ASP A O   1 
ATOM   504 C CB  . ASP A 1 69 ? -16.343 -11.797 -4.804  1.00 114.50 ? 75  ASP A CB  1 
ATOM   505 C CG  . ASP A 1 69 ? -16.898 -13.202 -4.957  1.00 122.27 ? 75  ASP A CG  1 
ATOM   506 O OD1 . ASP A 1 69 ? -16.503 -13.905 -5.906  1.00 70.21  ? 75  ASP A OD1 1 
ATOM   507 O OD2 . ASP A 1 69 ? -17.751 -13.596 -4.136  1.00 141.13 ? 75  ASP A OD2 1 
ATOM   508 N N   . GLY A 1 70 ? -13.378 -10.328 -3.079  1.00 126.69 ? 76  GLY A N   1 
ATOM   509 C CA  . GLY A 1 70 ? -13.003 -9.283  -2.138  1.00 98.91  ? 76  GLY A CA  1 
ATOM   510 C C   . GLY A 1 70 ? -11.745 -9.575  -1.335  1.00 85.52  ? 76  GLY A C   1 
ATOM   511 O O   . GLY A 1 70 ? -11.807 -10.200 -0.271  1.00 72.83  ? 76  GLY A O   1 
ATOM   512 N N   . ILE A 1 71 ? -10.602 -9.111  -1.849  1.00 49.96  ? 77  ILE A N   1 
ATOM   513 C CA  . ILE A 1 71 ? -9.322  -9.178  -1.154  1.00 41.53  ? 77  ILE A CA  1 
ATOM   514 C C   . ILE A 1 71 ? -8.816  -7.761  -0.903  1.00 48.02  ? 77  ILE A C   1 
ATOM   515 O O   . ILE A 1 71 ? -8.874  -6.917  -1.815  1.00 42.71  ? 77  ILE A O   1 
ATOM   516 C CB  . ILE A 1 71 ? -8.294  -9.976  -1.970  1.00 48.96  ? 77  ILE A CB  1 
ATOM   517 C CG1 . ILE A 1 71 ? -8.796  -11.413 -2.124  1.00 81.77  ? 77  ILE A CG1 1 
ATOM   518 C CG2 . ILE A 1 71 ? -6.926  -9.939  -1.295  1.00 52.39  ? 77  ILE A CG2 1 
ATOM   519 C CD1 . ILE A 1 71 ? -7.894  -12.301 -2.943  1.00 70.58  ? 77  ILE A CD1 1 
ATOM   520 N N   . GLU A 1 72 ? -8.354  -7.515  0.335   1.00 44.71  ? 78  GLU A N   1 
ATOM   521 C CA  . GLU A 1 72 ? -7.788  -6.238  0.780   1.00 39.41  ? 78  GLU A CA  1 
ATOM   522 C C   . GLU A 1 72 ? -6.389  -6.360  1.431   1.00 45.22  ? 78  GLU A C   1 
ATOM   523 O O   . GLU A 1 72 ? -6.052  -7.374  2.025   1.00 60.87  ? 78  GLU A O   1 
ATOM   524 C CB  . GLU A 1 72 ? -8.705  -5.557  1.780   1.00 55.26  ? 78  GLU A CB  1 
ATOM   525 C CG  . GLU A 1 72 ? -10.055 -5.133  1.234   1.00 61.12  ? 78  GLU A CG  1 
ATOM   526 C CD  . GLU A 1 72 ? -10.799 -4.216  2.190   1.00 89.66  ? 78  GLU A CD  1 
ATOM   527 O OE1 . GLU A 1 72 ? -10.399 -4.126  3.374   1.00 100.97 ? 78  GLU A OE1 1 
ATOM   528 O OE2 . GLU A 1 72 ? -11.782 -3.579  1.759   1.00 122.03 ? 78  GLU A OE2 1 
ATOM   529 N N   . GLY A 1 73 ? -5.585  -5.302  1.308   1.00 72.67  ? 79  GLY A N   1 
ATOM   530 C CA  . GLY A 1 73 ? -4.243  -5.256  1.867   1.00 55.47  ? 79  GLY A CA  1 
ATOM   531 C C   . GLY A 1 73 ? -4.071  -4.008  2.704   1.00 91.41  ? 79  GLY A C   1 
ATOM   532 O O   . GLY A 1 73 ? -4.718  -2.990  2.449   1.00 47.75  ? 79  GLY A O   1 
ATOM   533 N N   . ARG A 1 74 ? -3.190  -4.090  3.704   1.00 62.96  ? 80  ARG A N   1 
ATOM   534 C CA  . ARG A 1 74 ? -2.946  -3.009  4.700   1.00 42.42  ? 80  ARG A CA  1 
ATOM   535 C C   . ARG A 1 74 ? -1.441  -2.791  4.831   1.00 47.49  ? 80  ARG A C   1 
ATOM   536 O O   . ARG A 1 74 ? -0.741  -3.721  5.272   1.00 54.68  ? 80  ARG A O   1 
ATOM   537 C CB  . ARG A 1 74 ? -3.576  -3.378  6.046   1.00 80.41  ? 80  ARG A CB  1 
ATOM   538 C CG  . ARG A 1 74 ? -5.011  -3.874  5.944   1.00 76.40  ? 80  ARG A CG  1 
ATOM   539 C CD  . ARG A 1 74 ? -5.994  -2.792  5.541   1.00 86.90  ? 80  ARG A CD  1 
ATOM   540 N NE  . ARG A 1 74 ? -7.189  -2.861  6.367   1.00 100.99 ? 80  ARG A NE  1 
ATOM   541 C CZ  . ARG A 1 74 ? -7.243  -2.524  7.654   1.00 162.18 ? 80  ARG A CZ  1 
ATOM   542 N NH1 . ARG A 1 74 ? -6.162  -2.088  8.285   1.00 69.08  ? 80  ARG A NH1 1 
ATOM   543 N NH2 . ARG A 1 74 ? -8.383  -2.634  8.314   1.00 87.81  ? 80  ARG A NH2 1 
ATOM   544 N N   . LEU A 1 75 ? -0.974  -1.638  4.362   1.00 49.62  ? 81  LEU A N   1 
ATOM   545 C CA  . LEU A 1 75 ? 0.407   -1.259  4.426   1.00 46.49  ? 81  LEU A CA  1 
ATOM   546 C C   . LEU A 1 75 ? 0.426   -0.039  5.317   1.00 116.96 ? 81  LEU A C   1 
ATOM   547 O O   . LEU A 1 75 ? -0.077  1.019   4.935   1.00 58.49  ? 81  LEU A O   1 
ATOM   548 C CB  . LEU A 1 75 ? 0.924   -0.939  3.021   1.00 63.80  ? 81  LEU A CB  1 
ATOM   549 C CG  . LEU A 1 75 ? 2.305   -0.290  2.863   1.00 140.21 ? 81  LEU A CG  1 
ATOM   550 C CD1 . LEU A 1 75 ? 3.405   -1.114  3.519   1.00 145.28 ? 81  LEU A CD1 1 
ATOM   551 C CD2 . LEU A 1 75 ? 2.610   -0.064  1.386   1.00 55.18  ? 81  LEU A CD2 1 
ATOM   552 N N   . THR A 1 76 ? 0.936   -0.209  6.542   1.00 42.16  ? 82  THR A N   1 
ATOM   553 C CA  . THR A 1 76 ? 1.311   0.935   7.366   1.00 51.12  ? 82  THR A CA  1 
ATOM   554 C C   . THR A 1 76 ? 2.770   1.267   7.107   1.00 48.24  ? 82  THR A C   1 
ATOM   555 O O   . THR A 1 76 ? 3.672   0.498   7.442   1.00 51.05  ? 82  THR A O   1 
ATOM   556 C CB  . THR A 1 76 ? 1.076   0.704   8.865   1.00 40.35  ? 82  THR A CB  1 
ATOM   557 O OG1 . THR A 1 76 ? -0.261  0.238   9.066   1.00 49.98  ? 82  THR A OG1 1 
ATOM   558 C CG2 . THR A 1 76 ? 1.285   2.008   9.637   1.00 53.64  ? 82  THR A CG2 1 
ATOM   559 N N   . LEU A 1 77 ? 3.001   2.419   6.482   1.00 41.56  ? 83  LEU A N   1 
ATOM   560 C CA  . LEU A 1 77 ? 4.331   2.981   6.345   1.00 51.37  ? 83  LEU A CA  1 
ATOM   561 C C   . LEU A 1 77 ? 4.577   3.908   7.503   1.00 79.81  ? 83  LEU A C   1 
ATOM   562 O O   . LEU A 1 77 ? 3.675   4.611   7.939   1.00 58.98  ? 83  LEU A O   1 
ATOM   563 C CB  . LEU A 1 77 ? 4.450   3.769   5.049   1.00 70.85  ? 83  LEU A CB  1 
ATOM   564 C CG  . LEU A 1 77 ? 4.325   2.944   3.779   1.00 91.87  ? 83  LEU A CG  1 
ATOM   565 C CD1 . LEU A 1 77 ? 4.343   3.858   2.565   1.00 68.58  ? 83  LEU A CD1 1 
ATOM   566 C CD2 . LEU A 1 77 ? 5.446   1.918   3.734   1.00 108.81 ? 83  LEU A CD2 1 
ATOM   567 N N   . GLU A 1 78 ? 5.810   3.897   8.011   1.00 56.44  ? 84  GLU A N   1 
ATOM   568 C CA  . GLU A 1 78 ? 6.271   4.933   8.907   1.00 66.54  ? 84  GLU A CA  1 
ATOM   569 C C   . GLU A 1 78 ? 7.500   5.551   8.268   1.00 72.05  ? 84  GLU A C   1 
ATOM   570 O O   . GLU A 1 78 ? 8.134   4.923   7.402   1.00 57.66  ? 84  GLU A O   1 
ATOM   571 C CB  . GLU A 1 78 ? 6.516   4.366   10.305  1.00 103.04 ? 84  GLU A CB  1 
ATOM   572 C CG  . GLU A 1 78 ? 5.206   3.973   10.984  1.00 65.10  ? 84  GLU A CG  1 
ATOM   573 C CD  . GLU A 1 78 ? 5.390   3.232   12.292  1.00 108.95 ? 84  GLU A CD  1 
ATOM   574 O OE1 . GLU A 1 78 ? 6.392   3.485   12.991  1.00 127.02 ? 84  GLU A OE1 1 
ATOM   575 O OE2 . GLU A 1 78 ? 4.521   2.397   12.624  1.00 80.11  ? 84  GLU A OE2 1 
ATOM   576 N N   . GLY A 1 79 ? 7.795   6.799   8.654   1.00 56.29  ? 85  GLY A N   1 
ATOM   577 C CA  . GLY A 1 79 ? 8.920   7.556   8.115   1.00 108.35 ? 85  GLY A CA  1 
ATOM   578 C C   . GLY A 1 79 ? 9.823   8.163   9.174   1.00 87.76  ? 85  GLY A C   1 
ATOM   579 O O   . GLY A 1 79 ? 10.292  7.483   10.090  1.00 78.94  ? 85  GLY A O   1 
HETATM 580 S S   . SO4 B 2 .  ? -6.025  -3.930  -13.314 0.33 27.76  ? 101 SO4 A S   1 
HETATM 581 O O1  . SO4 B 2 .  ? -5.483  -3.174  -12.223 0.33 27.73  ? 101 SO4 A O1  1 
HETATM 582 O O2  . SO4 B 2 .  ? -4.958  -4.412  -14.144 0.33 34.34  ? 101 SO4 A O2  1 
HETATM 583 O O3  . SO4 B 2 .  ? -6.884  -3.077  -14.085 0.33 42.29  ? 101 SO4 A O3  1 
HETATM 584 O O4  . SO4 B 2 .  ? -6.778  -5.043  -12.811 0.33 29.02  ? 101 SO4 A O4  1 
HETATM 585 S S   . SO4 C 2 .  ? 9.822   -4.534  -9.793  1.00 128.15 ? 102 SO4 A S   1 
HETATM 586 O O1  . SO4 C 2 .  ? 11.053  -4.743  -10.504 1.00 224.27 ? 102 SO4 A O1  1 
HETATM 587 O O2  . SO4 C 2 .  ? 10.068  -4.602  -8.377  1.00 142.57 ? 102 SO4 A O2  1 
HETATM 588 O O3  . SO4 C 2 .  ? 8.879   -5.555  -10.164 1.00 67.15  ? 102 SO4 A O3  1 
HETATM 589 O O4  . SO4 C 2 .  ? 9.292   -3.237  -10.127 1.00 74.31  ? 102 SO4 A O4  1 
HETATM 590 O O   . HOH D 3 .  ? 7.611   4.485   -6.661  1.00 46.77  ? 201 HOH A O   1 
HETATM 591 O O   . HOH D 3 .  ? -12.842 3.512   -1.167  1.00 41.54  ? 202 HOH A O   1 
HETATM 592 O O   . HOH D 3 .  ? -3.355  -0.204  -10.312 1.00 33.95  ? 203 HOH A O   1 
HETATM 593 O O   . HOH D 3 .  ? -2.134  12.199  16.182  1.00 56.27  ? 204 HOH A O   1 
HETATM 594 O O   . HOH D 3 .  ? 4.610   -3.094  -14.189 1.00 52.84  ? 205 HOH A O   1 
HETATM 595 O O   . HOH D 3 .  ? -6.499  3.467   5.432   1.00 47.93  ? 206 HOH A O   1 
HETATM 596 O O   . HOH D 3 .  ? -5.736  3.136   -7.355  1.00 37.60  ? 207 HOH A O   1 
HETATM 597 O O   . HOH D 3 .  ? 9.230   -0.683  -6.054  1.00 53.31  ? 208 HOH A O   1 
HETATM 598 O O   . HOH D 3 .  ? 1.984   -3.034  7.159   1.00 46.72  ? 209 HOH A O   1 
HETATM 599 O O   . HOH D 3 .  ? -17.645 -0.781  3.210   1.00 61.75  ? 210 HOH A O   1 
HETATM 600 O O   . HOH D 3 .  ? -13.221 1.525   -3.161  1.00 43.64  ? 211 HOH A O   1 
HETATM 601 O O   . HOH D 3 .  ? -7.315  -15.333 -4.205  1.00 55.98  ? 212 HOH A O   1 
HETATM 602 O O   . HOH D 3 .  ? -13.102 -2.723  5.163   1.00 58.59  ? 213 HOH A O   1 
HETATM 603 O O   . HOH D 3 .  ? -4.779  2.170   -10.031 1.00 48.22  ? 214 HOH A O   1 
HETATM 604 O O   . HOH D 3 .  ? 4.260   -2.376  9.496   1.00 73.01  ? 215 HOH A O   1 
HETATM 605 O O   . HOH D 3 .  ? -5.955  8.285   16.547  1.00 66.46  ? 216 HOH A O   1 
HETATM 606 O O   . HOH D 3 .  ? 14.230  4.892   1.807   1.00 69.00  ? 217 HOH A O   1 
# 
